data_2JV5
#
_entry.id   2JV5
#
_entity_poly.entity_id   1
_entity_poly.type   'polypeptide(L)'
_entity_poly.pdbx_seq_one_letter_code
;RIYKGVIQAIQKSDEGHPFRAYLESEVAISEELVQKYSNSALGHVNCTIKELRR
;
_entity_poly.pdbx_strand_id   A
#
# COMPACT_ATOMS: atom_id res chain seq x y z
N ARG A 1 -13.10 2.98 -11.97
CA ARG A 1 -12.47 2.47 -13.18
C ARG A 1 -10.96 2.32 -12.97
N ILE A 2 -10.60 1.67 -11.89
CA ILE A 2 -9.20 1.46 -11.57
C ILE A 2 -8.41 1.23 -12.86
N TYR A 3 -8.98 0.40 -13.72
CA TYR A 3 -8.35 0.09 -14.99
C TYR A 3 -7.08 -0.73 -14.79
N LYS A 4 -6.15 -0.16 -14.03
CA LYS A 4 -4.89 -0.84 -13.75
C LYS A 4 -5.18 -2.14 -13.00
N GLY A 5 -6.06 -2.05 -12.01
CA GLY A 5 -6.42 -3.20 -11.21
C GLY A 5 -7.72 -3.84 -11.73
N VAL A 6 -7.72 -4.15 -13.02
CA VAL A 6 -8.87 -4.76 -13.64
C VAL A 6 -8.92 -6.24 -13.28
N ILE A 7 -9.80 -6.96 -13.96
CA ILE A 7 -9.95 -8.39 -13.73
C ILE A 7 -8.76 -9.13 -14.34
N GLN A 8 -8.47 -8.81 -15.59
CA GLN A 8 -7.37 -9.43 -16.30
C GLN A 8 -6.06 -9.22 -15.54
N ALA A 9 -6.04 -8.15 -14.75
CA ALA A 9 -4.86 -7.82 -13.96
C ALA A 9 -4.40 -9.07 -13.21
N ILE A 10 -5.35 -9.96 -12.96
CA ILE A 10 -5.06 -11.21 -12.26
C ILE A 10 -4.00 -11.99 -13.03
N GLN A 11 -3.99 -11.79 -14.34
CA GLN A 11 -3.03 -12.47 -15.20
C GLN A 11 -1.63 -12.35 -14.61
N LYS A 12 -1.43 -11.32 -13.81
CA LYS A 12 -0.15 -11.09 -13.19
C LYS A 12 0.35 -12.39 -12.55
N SER A 13 -0.60 -13.18 -12.09
CA SER A 13 -0.28 -14.46 -11.46
C SER A 13 0.43 -15.37 -12.46
N ASP A 14 0.05 -15.22 -13.72
CA ASP A 14 0.63 -16.03 -14.78
C ASP A 14 2.06 -15.54 -15.05
N GLU A 15 2.26 -14.25 -14.83
CA GLU A 15 3.57 -13.65 -15.05
C GLU A 15 4.55 -14.10 -13.96
N GLY A 16 4.02 -14.81 -12.99
CA GLY A 16 4.82 -15.31 -11.89
C GLY A 16 5.78 -14.22 -11.38
N HIS A 17 5.20 -13.20 -10.77
CA HIS A 17 5.98 -12.10 -10.24
C HIS A 17 7.24 -12.64 -9.55
N PRO A 18 8.29 -11.78 -9.51
CA PRO A 18 9.54 -12.17 -8.89
C PRO A 18 9.43 -12.16 -7.36
N PHE A 19 9.62 -10.97 -6.80
CA PHE A 19 9.54 -10.81 -5.35
C PHE A 19 9.81 -9.36 -4.95
N ARG A 20 10.87 -8.81 -5.50
CA ARG A 20 11.26 -7.44 -5.20
C ARG A 20 10.19 -6.47 -5.73
N ALA A 21 9.54 -6.88 -6.80
CA ALA A 21 8.50 -6.07 -7.40
C ALA A 21 7.41 -5.80 -6.36
N TYR A 22 7.19 -6.80 -5.52
CA TYR A 22 6.17 -6.70 -4.48
C TYR A 22 6.64 -5.79 -3.34
N LEU A 23 7.94 -5.88 -3.07
CA LEU A 23 8.53 -5.08 -2.01
C LEU A 23 8.28 -3.60 -2.28
N GLU A 24 8.53 -3.21 -3.52
CA GLU A 24 8.33 -1.83 -3.94
C GLU A 24 6.92 -1.37 -3.59
N SER A 25 6.01 -2.34 -3.55
CA SER A 25 4.62 -2.05 -3.24
C SER A 25 4.54 -1.30 -1.91
N GLU A 26 5.60 -1.40 -1.13
CA GLU A 26 5.66 -0.73 0.16
C GLU A 26 5.45 0.77 0.00
N VAL A 27 5.84 1.25 -1.17
CA VAL A 27 5.71 2.67 -1.48
C VAL A 27 4.24 3.00 -1.74
N ALA A 28 3.55 2.04 -2.32
CA ALA A 28 2.13 2.20 -2.63
C ALA A 28 1.33 2.20 -1.33
N ILE A 29 1.60 1.20 -0.51
CA ILE A 29 0.91 1.07 0.76
C ILE A 29 1.14 2.32 1.60
N SER A 30 2.37 2.82 1.53
CA SER A 30 2.73 4.02 2.27
C SER A 30 1.76 5.15 1.93
N GLU A 31 1.43 5.24 0.65
CA GLU A 31 0.52 6.28 0.18
C GLU A 31 -0.90 6.02 0.71
N GLU A 32 -1.28 4.76 0.67
CA GLU A 32 -2.60 4.36 1.14
C GLU A 32 -2.69 4.50 2.66
N LEU A 33 -1.64 4.03 3.32
CA LEU A 33 -1.58 4.11 4.77
C LEU A 33 -2.02 5.49 5.24
N VAL A 34 -1.43 6.50 4.61
CA VAL A 34 -1.75 7.88 4.95
C VAL A 34 -3.23 8.15 4.64
N GLN A 35 -3.70 7.51 3.58
CA GLN A 35 -5.08 7.68 3.16
C GLN A 35 -6.01 6.97 4.15
N LYS A 36 -5.45 5.99 4.84
CA LYS A 36 -6.22 5.23 5.81
C LYS A 36 -6.76 6.18 6.89
N TYR A 37 -6.03 7.26 7.10
CA TYR A 37 -6.42 8.25 8.09
C TYR A 37 -7.93 8.49 8.05
N SER A 38 -8.51 8.26 6.88
CA SER A 38 -9.93 8.44 6.69
C SER A 38 -10.70 7.63 7.74
N ASN A 39 -10.20 6.44 8.00
CA ASN A 39 -10.83 5.56 8.97
C ASN A 39 -10.76 6.20 10.36
N SER A 40 -9.70 6.98 10.57
CA SER A 40 -9.51 7.66 11.84
C SER A 40 -10.71 8.58 12.13
N ALA A 41 -11.51 8.80 11.10
CA ALA A 41 -12.68 9.64 11.23
C ALA A 41 -13.59 9.10 12.32
N LEU A 42 -13.61 7.77 12.42
CA LEU A 42 -14.43 7.10 13.42
C LEU A 42 -13.71 7.13 14.77
N GLY A 43 -13.31 8.33 15.17
CA GLY A 43 -12.61 8.52 16.43
C GLY A 43 -11.11 8.33 16.25
N HIS A 44 -10.74 7.16 15.75
CA HIS A 44 -9.33 6.85 15.52
C HIS A 44 -9.14 5.33 15.60
N VAL A 45 -8.41 4.82 14.62
CA VAL A 45 -8.13 3.38 14.57
C VAL A 45 -7.04 3.12 13.53
N ASN A 46 -7.35 3.48 12.29
CA ASN A 46 -6.42 3.30 11.20
C ASN A 46 -5.26 4.29 11.34
N CYS A 47 -5.58 5.45 11.89
CA CYS A 47 -4.58 6.48 12.10
C CYS A 47 -3.44 5.89 12.91
N THR A 48 -3.78 4.93 13.76
CA THR A 48 -2.79 4.28 14.60
C THR A 48 -1.73 3.60 13.73
N ILE A 49 -2.18 3.08 12.60
CA ILE A 49 -1.27 2.41 11.68
C ILE A 49 -0.39 3.44 10.98
N LYS A 50 -0.97 4.62 10.75
CA LYS A 50 -0.26 5.69 10.10
C LYS A 50 1.07 5.93 10.82
N GLU A 51 1.05 5.69 12.12
CA GLU A 51 2.24 5.87 12.94
C GLU A 51 3.42 5.11 12.33
N LEU A 52 3.10 4.00 11.66
CA LEU A 52 4.11 3.18 11.03
C LEU A 52 4.92 4.04 10.05
N ARG A 53 4.20 4.67 9.14
CA ARG A 53 4.84 5.53 8.15
C ARG A 53 5.68 6.59 8.83
N ARG A 54 5.15 7.11 9.93
CA ARG A 54 5.86 8.15 10.68
C ARG A 54 6.22 9.31 9.77
N ARG A 1 -3.99 -10.96 -9.40
CA ARG A 1 -3.52 -10.06 -8.38
C ARG A 1 -4.25 -8.71 -8.48
N ILE A 2 -4.60 -8.36 -9.71
CA ILE A 2 -5.29 -7.11 -9.97
C ILE A 2 -6.34 -6.88 -8.86
N TYR A 3 -7.51 -7.47 -9.07
CA TYR A 3 -8.59 -7.34 -8.11
C TYR A 3 -9.84 -8.09 -8.59
N LYS A 4 -10.04 -8.07 -9.91
CA LYS A 4 -11.18 -8.74 -10.50
C LYS A 4 -11.00 -10.25 -10.37
N GLY A 5 -9.74 -10.66 -10.21
CA GLY A 5 -9.43 -12.06 -10.08
C GLY A 5 -9.25 -12.72 -11.46
N VAL A 6 -8.61 -11.98 -12.35
CA VAL A 6 -8.38 -12.47 -13.69
C VAL A 6 -7.68 -13.84 -13.62
N ILE A 7 -7.86 -14.61 -14.68
CA ILE A 7 -7.27 -15.93 -14.75
C ILE A 7 -5.78 -15.80 -15.11
N GLN A 8 -5.53 -15.01 -16.15
CA GLN A 8 -4.16 -14.79 -16.60
C GLN A 8 -3.32 -14.18 -15.47
N ALA A 9 -4.00 -13.51 -14.55
CA ALA A 9 -3.33 -12.89 -13.43
C ALA A 9 -2.42 -13.91 -12.76
N ILE A 10 -2.77 -15.17 -12.92
CA ILE A 10 -1.99 -16.25 -12.34
C ILE A 10 -0.59 -16.26 -12.96
N GLN A 11 -0.51 -15.72 -14.17
CA GLN A 11 0.77 -15.67 -14.87
C GLN A 11 1.84 -15.09 -13.95
N LYS A 12 1.40 -14.33 -12.95
CA LYS A 12 2.31 -13.73 -12.01
C LYS A 12 3.29 -14.79 -11.50
N SER A 13 2.80 -16.01 -11.43
CA SER A 13 3.62 -17.12 -10.97
C SER A 13 4.80 -17.34 -11.91
N ASP A 14 4.58 -17.00 -13.18
CA ASP A 14 5.61 -17.16 -14.19
C ASP A 14 6.66 -16.06 -14.01
N GLU A 15 6.19 -14.93 -13.51
CA GLU A 15 7.08 -13.79 -13.28
C GLU A 15 8.14 -14.15 -12.24
N GLY A 16 7.68 -14.65 -11.11
CA GLY A 16 8.58 -15.05 -10.04
C GLY A 16 9.01 -13.83 -9.22
N HIS A 17 9.49 -12.82 -9.93
CA HIS A 17 9.94 -11.59 -9.28
C HIS A 17 11.10 -11.90 -8.35
N PRO A 18 11.96 -10.87 -8.13
CA PRO A 18 13.12 -11.02 -7.26
C PRO A 18 12.70 -11.03 -5.78
N PHE A 19 12.54 -9.85 -5.24
CA PHE A 19 12.14 -9.70 -3.84
C PHE A 19 12.04 -8.24 -3.44
N ARG A 20 13.09 -7.49 -3.76
CA ARG A 20 13.14 -6.07 -3.45
C ARG A 20 12.03 -5.33 -4.18
N ALA A 21 11.68 -5.84 -5.35
CA ALA A 21 10.64 -5.24 -6.16
C ALA A 21 9.34 -5.20 -5.36
N TYR A 22 9.16 -6.24 -4.54
CA TYR A 22 7.96 -6.33 -3.72
C TYR A 22 8.03 -5.37 -2.53
N LEU A 23 9.24 -5.20 -2.01
CA LEU A 23 9.45 -4.31 -0.89
C LEU A 23 8.96 -2.91 -1.25
N GLU A 24 9.36 -2.46 -2.43
CA GLU A 24 8.96 -1.14 -2.91
C GLU A 24 7.45 -0.99 -2.85
N SER A 25 6.77 -2.12 -2.95
CA SER A 25 5.31 -2.13 -2.91
C SER A 25 4.82 -1.44 -1.63
N GLU A 26 5.72 -1.34 -0.66
CA GLU A 26 5.41 -0.71 0.60
C GLU A 26 4.93 0.72 0.38
N VAL A 27 5.47 1.33 -0.66
CA VAL A 27 5.12 2.71 -0.99
C VAL A 27 3.72 2.73 -1.61
N ALA A 28 3.40 1.67 -2.34
CA ALA A 28 2.11 1.56 -2.98
C ALA A 28 1.01 1.51 -1.91
N ILE A 29 1.35 0.85 -0.80
CA ILE A 29 0.41 0.72 0.30
C ILE A 29 0.43 1.99 1.15
N SER A 30 1.63 2.58 1.24
CA SER A 30 1.80 3.79 2.00
C SER A 30 1.02 4.94 1.36
N GLU A 31 1.17 5.05 0.05
CA GLU A 31 0.48 6.09 -0.70
C GLU A 31 -1.04 5.94 -0.54
N GLU A 32 -1.51 4.72 -0.77
CA GLU A 32 -2.92 4.44 -0.66
C GLU A 32 -3.36 4.46 0.80
N LEU A 33 -2.47 3.99 1.66
CA LEU A 33 -2.75 3.96 3.09
C LEU A 33 -3.17 5.35 3.55
N VAL A 34 -2.76 6.35 2.78
CA VAL A 34 -3.08 7.73 3.10
C VAL A 34 -4.60 7.88 3.19
N GLN A 35 -5.30 7.16 2.33
CA GLN A 35 -6.75 7.21 2.32
C GLN A 35 -7.31 6.71 3.64
N LYS A 36 -6.50 5.92 4.34
CA LYS A 36 -6.90 5.38 5.63
C LYS A 36 -7.26 6.53 6.57
N TYR A 37 -6.58 7.65 6.37
CA TYR A 37 -6.81 8.82 7.20
C TYR A 37 -8.30 9.01 7.48
N SER A 38 -9.11 8.51 6.56
CA SER A 38 -10.55 8.62 6.70
C SER A 38 -11.00 8.02 8.04
N ASN A 39 -10.34 6.94 8.41
CA ASN A 39 -10.65 6.27 9.66
C ASN A 39 -10.35 7.21 10.83
N SER A 40 -9.38 8.07 10.62
CA SER A 40 -8.98 9.03 11.64
C SER A 40 -10.19 9.88 12.05
N ALA A 41 -11.25 9.76 11.28
CA ALA A 41 -12.47 10.50 11.54
C ALA A 41 -12.91 10.25 12.98
N LEU A 42 -12.66 9.04 13.44
CA LEU A 42 -13.02 8.66 14.80
C LEU A 42 -11.81 8.83 15.71
N GLY A 43 -10.63 8.76 15.11
CA GLY A 43 -9.40 8.90 15.85
C GLY A 43 -9.13 7.67 16.72
N HIS A 44 -9.13 6.52 16.08
CA HIS A 44 -8.90 5.27 16.78
C HIS A 44 -7.97 4.38 15.95
N VAL A 45 -8.60 3.55 15.11
CA VAL A 45 -7.85 2.65 14.26
C VAL A 45 -6.78 3.43 13.51
N ASN A 46 -7.20 4.54 12.94
CA ASN A 46 -6.28 5.39 12.19
C ASN A 46 -5.01 5.61 13.01
N CYS A 47 -5.19 5.64 14.32
CA CYS A 47 -4.07 5.84 15.22
C CYS A 47 -3.02 4.76 14.94
N THR A 48 -3.52 3.57 14.64
CA THR A 48 -2.64 2.44 14.34
C THR A 48 -2.02 2.61 12.96
N ILE A 49 -2.79 3.21 12.06
CA ILE A 49 -2.32 3.43 10.71
C ILE A 49 -1.01 4.23 10.74
N LYS A 50 -0.92 5.11 11.72
CA LYS A 50 0.26 5.94 11.88
C LYS A 50 1.50 5.05 11.87
N GLU A 51 1.34 3.86 12.42
CA GLU A 51 2.44 2.90 12.49
C GLU A 51 2.76 2.37 11.08
N LEU A 52 1.71 2.23 10.28
CA LEU A 52 1.87 1.74 8.92
C LEU A 52 2.65 2.77 8.10
N ARG A 53 2.10 3.97 8.05
CA ARG A 53 2.73 5.05 7.29
C ARG A 53 3.99 5.52 8.02
N ARG A 54 3.94 5.46 9.34
CA ARG A 54 5.07 5.89 10.15
C ARG A 54 5.52 4.75 11.07
N ARG A 1 -19.35 -13.61 -6.72
CA ARG A 1 -19.22 -14.29 -5.43
C ARG A 1 -19.66 -15.74 -5.56
N ILE A 2 -18.92 -16.50 -6.35
CA ILE A 2 -19.22 -17.90 -6.56
C ILE A 2 -18.90 -18.69 -5.28
N TYR A 3 -17.68 -18.50 -4.80
CA TYR A 3 -17.24 -19.18 -3.60
C TYR A 3 -15.71 -19.06 -3.44
N LYS A 4 -15.04 -18.98 -4.57
CA LYS A 4 -13.59 -18.86 -4.57
C LYS A 4 -13.19 -17.46 -5.03
N GLY A 5 -14.10 -16.82 -5.74
CA GLY A 5 -13.85 -15.47 -6.23
C GLY A 5 -14.23 -14.42 -5.19
N VAL A 6 -13.38 -14.31 -4.18
CA VAL A 6 -13.62 -13.36 -3.10
C VAL A 6 -12.34 -12.56 -2.85
N ILE A 7 -12.20 -12.08 -1.63
CA ILE A 7 -11.04 -11.30 -1.25
C ILE A 7 -9.77 -12.00 -1.76
N GLN A 8 -9.82 -13.33 -1.75
CA GLN A 8 -8.69 -14.12 -2.20
C GLN A 8 -8.27 -13.68 -3.60
N ALA A 9 -9.21 -13.09 -4.32
CA ALA A 9 -8.96 -12.62 -5.66
C ALA A 9 -7.58 -11.97 -5.72
N ILE A 10 -7.16 -11.43 -4.58
CA ILE A 10 -5.87 -10.78 -4.48
C ILE A 10 -4.80 -11.68 -5.10
N GLN A 11 -5.11 -12.96 -5.14
CA GLN A 11 -4.19 -13.94 -5.70
C GLN A 11 -3.60 -13.43 -7.01
N LYS A 12 -4.38 -12.59 -7.68
CA LYS A 12 -3.95 -12.02 -8.95
C LYS A 12 -2.53 -11.48 -8.80
N SER A 13 -2.23 -11.01 -7.60
CA SER A 13 -0.91 -10.47 -7.32
C SER A 13 0.14 -11.56 -7.43
N ASP A 14 -0.27 -12.78 -7.08
CA ASP A 14 0.62 -13.92 -7.13
C ASP A 14 0.91 -14.27 -8.59
N GLU A 15 -0.06 -13.98 -9.44
CA GLU A 15 0.08 -14.26 -10.85
C GLU A 15 1.02 -13.24 -11.51
N GLY A 16 1.48 -12.31 -10.70
CA GLY A 16 2.38 -11.28 -11.18
C GLY A 16 3.57 -11.89 -11.92
N HIS A 17 4.66 -12.05 -11.20
CA HIS A 17 5.87 -12.62 -11.78
C HIS A 17 7.08 -12.25 -10.91
N PRO A 18 7.20 -10.92 -10.63
CA PRO A 18 8.30 -10.42 -9.83
C PRO A 18 8.08 -10.75 -8.35
N PHE A 19 9.16 -10.62 -7.59
CA PHE A 19 9.11 -10.90 -6.16
C PHE A 19 9.47 -9.66 -5.34
N ARG A 20 10.40 -8.88 -5.90
CA ARG A 20 10.85 -7.67 -5.23
C ARG A 20 9.78 -6.57 -5.37
N ALA A 21 9.04 -6.64 -6.45
CA ALA A 21 7.99 -5.65 -6.71
C ALA A 21 7.07 -5.59 -5.49
N TYR A 22 6.91 -6.72 -4.84
CA TYR A 22 6.05 -6.80 -3.67
C TYR A 22 6.56 -5.87 -2.56
N LEU A 23 7.87 -5.75 -2.49
CA LEU A 23 8.49 -4.90 -1.48
C LEU A 23 8.11 -3.45 -1.75
N GLU A 24 8.24 -3.04 -3.01
CA GLU A 24 7.91 -1.69 -3.40
C GLU A 24 6.49 -1.33 -2.94
N SER A 25 5.67 -2.36 -2.82
CA SER A 25 4.30 -2.16 -2.40
C SER A 25 4.26 -1.42 -1.07
N GLU A 26 5.39 -1.45 -0.37
CA GLU A 26 5.50 -0.79 0.92
C GLU A 26 5.20 0.71 0.75
N VAL A 27 5.74 1.29 -0.30
CA VAL A 27 5.55 2.70 -0.57
C VAL A 27 4.12 2.92 -1.09
N ALA A 28 3.66 1.97 -1.88
CA ALA A 28 2.32 2.04 -2.45
C ALA A 28 1.30 2.10 -1.31
N ILE A 29 1.58 1.32 -0.27
CA ILE A 29 0.69 1.28 0.88
C ILE A 29 0.93 2.51 1.75
N SER A 30 2.17 2.96 1.77
CA SER A 30 2.54 4.12 2.55
C SER A 30 1.63 5.31 2.20
N GLU A 31 1.44 5.48 0.91
CA GLU A 31 0.61 6.57 0.42
C GLU A 31 -0.87 6.29 0.73
N GLU A 32 -1.23 5.03 0.60
CA GLU A 32 -2.60 4.61 0.86
C GLU A 32 -2.89 4.69 2.36
N LEU A 33 -2.02 4.08 3.14
CA LEU A 33 -2.17 4.08 4.59
C LEU A 33 -2.49 5.49 5.07
N VAL A 34 -1.89 6.47 4.38
CA VAL A 34 -2.10 7.86 4.72
C VAL A 34 -3.57 8.23 4.46
N GLN A 35 -4.09 7.70 3.37
CA GLN A 35 -5.47 7.97 3.00
C GLN A 35 -6.42 7.28 3.97
N LYS A 36 -5.92 6.23 4.60
CA LYS A 36 -6.71 5.48 5.57
C LYS A 36 -7.17 6.42 6.68
N TYR A 37 -6.33 7.40 6.96
CA TYR A 37 -6.63 8.37 8.01
C TYR A 37 -8.10 8.79 7.96
N SER A 38 -8.67 8.69 6.77
CA SER A 38 -10.06 9.06 6.58
C SER A 38 -10.96 8.22 7.49
N ASN A 39 -10.61 6.94 7.59
CA ASN A 39 -11.37 6.02 8.42
C ASN A 39 -11.02 6.26 9.90
N SER A 40 -9.78 6.69 10.11
CA SER A 40 -9.31 6.96 11.46
C SER A 40 -10.16 8.06 12.10
N ALA A 41 -10.96 8.71 11.27
CA ALA A 41 -11.82 9.78 11.73
C ALA A 41 -12.77 9.23 12.80
N LEU A 42 -13.32 8.05 12.52
CA LEU A 42 -14.23 7.42 13.44
C LEU A 42 -13.73 7.62 14.87
N GLY A 43 -12.90 6.69 15.31
CA GLY A 43 -12.33 6.75 16.64
C GLY A 43 -10.81 6.60 16.62
N HIS A 44 -10.27 6.66 15.41
CA HIS A 44 -8.83 6.55 15.22
C HIS A 44 -8.43 5.07 15.28
N VAL A 45 -8.18 4.51 14.11
CA VAL A 45 -7.78 3.12 14.01
C VAL A 45 -6.72 2.97 12.92
N ASN A 46 -7.00 3.58 11.78
CA ASN A 46 -6.08 3.53 10.66
C ASN A 46 -4.89 4.45 10.93
N CYS A 47 -5.17 5.53 11.64
CA CYS A 47 -4.14 6.50 11.98
C CYS A 47 -3.01 5.76 12.70
N THR A 48 -3.39 4.71 13.42
CA THR A 48 -2.43 3.91 14.15
C THR A 48 -1.40 3.31 13.20
N ILE A 49 -1.87 2.95 12.02
CA ILE A 49 -1.01 2.36 11.01
C ILE A 49 -0.13 3.46 10.39
N LYS A 50 -0.71 4.64 10.28
CA LYS A 50 0.00 5.77 9.71
C LYS A 50 1.33 5.96 10.44
N GLU A 51 1.31 5.61 11.72
CA GLU A 51 2.50 5.74 12.55
C GLU A 51 3.68 5.01 11.90
N LEU A 52 3.36 3.92 11.22
CA LEU A 52 4.38 3.12 10.55
C LEU A 52 5.09 4.00 9.52
N ARG A 53 4.29 4.67 8.71
CA ARG A 53 4.83 5.55 7.67
C ARG A 53 5.47 6.78 8.30
N ARG A 54 4.77 7.33 9.29
CA ARG A 54 5.25 8.51 9.98
C ARG A 54 5.84 9.51 8.97
N ARG A 1 -14.53 -19.92 -14.10
CA ARG A 1 -13.47 -20.65 -14.78
C ARG A 1 -13.60 -20.49 -16.30
N ILE A 2 -13.38 -19.26 -16.74
CA ILE A 2 -13.48 -18.95 -18.16
C ILE A 2 -12.36 -19.68 -18.91
N TYR A 3 -11.24 -19.84 -18.23
CA TYR A 3 -10.10 -20.52 -18.80
C TYR A 3 -9.37 -19.61 -19.80
N LYS A 4 -10.15 -19.06 -20.73
CA LYS A 4 -9.61 -18.17 -21.74
C LYS A 4 -8.50 -17.32 -21.12
N GLY A 5 -8.88 -16.57 -20.09
CA GLY A 5 -7.94 -15.71 -19.40
C GLY A 5 -8.56 -15.13 -18.13
N VAL A 6 -8.87 -16.02 -17.20
CA VAL A 6 -9.47 -15.61 -15.93
C VAL A 6 -8.67 -14.44 -15.36
N ILE A 7 -9.24 -13.82 -14.33
CA ILE A 7 -8.58 -12.70 -13.68
C ILE A 7 -7.51 -13.21 -12.73
N GLN A 8 -7.88 -14.21 -11.93
CA GLN A 8 -6.96 -14.80 -10.99
C GLN A 8 -5.80 -15.48 -11.72
N ALA A 9 -6.08 -15.88 -12.95
CA ALA A 9 -5.08 -16.53 -13.77
C ALA A 9 -3.74 -15.82 -13.61
N ILE A 10 -3.83 -14.52 -13.32
CA ILE A 10 -2.64 -13.71 -13.13
C ILE A 10 -1.68 -14.43 -12.18
N GLN A 11 -2.25 -15.32 -11.38
CA GLN A 11 -1.45 -16.08 -10.43
C GLN A 11 -0.18 -16.61 -11.10
N LYS A 12 -0.29 -16.83 -12.40
CA LYS A 12 0.84 -17.33 -13.17
C LYS A 12 2.10 -16.55 -12.80
N SER A 13 1.89 -15.28 -12.46
CA SER A 13 3.00 -14.42 -12.09
C SER A 13 3.72 -14.99 -10.88
N ASP A 14 2.94 -15.59 -9.98
CA ASP A 14 3.50 -16.18 -8.78
C ASP A 14 4.47 -17.30 -9.17
N GLU A 15 4.18 -17.91 -10.31
CA GLU A 15 5.01 -19.00 -10.80
C GLU A 15 6.30 -18.45 -11.42
N GLY A 16 6.34 -17.13 -11.52
CA GLY A 16 7.50 -16.46 -12.09
C GLY A 16 7.45 -14.95 -11.83
N HIS A 17 8.01 -14.55 -10.69
CA HIS A 17 8.03 -13.16 -10.32
C HIS A 17 9.13 -12.92 -9.27
N PRO A 18 9.58 -11.65 -9.20
CA PRO A 18 10.63 -11.28 -8.26
C PRO A 18 10.06 -11.19 -6.83
N PHE A 19 10.95 -10.87 -5.90
CA PHE A 19 10.55 -10.75 -4.51
C PHE A 19 10.81 -9.33 -3.98
N ARG A 20 11.89 -8.74 -4.47
CA ARG A 20 12.25 -7.39 -4.06
C ARG A 20 11.29 -6.37 -4.68
N ALA A 21 10.80 -6.71 -5.86
CA ALA A 21 9.88 -5.84 -6.56
C ALA A 21 8.63 -5.62 -5.69
N TYR A 22 8.26 -6.66 -4.98
CA TYR A 22 7.10 -6.59 -4.11
C TYR A 22 7.38 -5.71 -2.89
N LEU A 23 8.62 -5.78 -2.42
CA LEU A 23 9.03 -4.99 -1.27
C LEU A 23 8.72 -3.52 -1.52
N GLU A 24 9.11 -3.06 -2.71
CA GLU A 24 8.87 -1.67 -3.09
C GLU A 24 7.40 -1.32 -2.91
N SER A 25 6.56 -2.33 -3.01
CA SER A 25 5.12 -2.13 -2.87
C SER A 25 4.83 -1.47 -1.52
N GLU A 26 5.80 -1.56 -0.63
CA GLU A 26 5.65 -0.98 0.69
C GLU A 26 5.38 0.53 0.59
N VAL A 27 6.17 1.18 -0.26
CA VAL A 27 6.03 2.61 -0.47
C VAL A 27 4.78 2.87 -1.31
N ALA A 28 4.52 1.96 -2.22
CA ALA A 28 3.36 2.09 -3.10
C ALA A 28 2.09 2.05 -2.25
N ILE A 29 2.11 1.20 -1.24
CA ILE A 29 0.96 1.07 -0.35
C ILE A 29 0.95 2.24 0.63
N SER A 30 2.15 2.67 1.01
CA SER A 30 2.29 3.77 1.95
C SER A 30 1.55 5.00 1.41
N GLU A 31 1.55 5.14 0.09
CA GLU A 31 0.88 6.26 -0.54
C GLU A 31 -0.63 6.14 -0.39
N GLU A 32 -1.12 4.93 -0.65
CA GLU A 32 -2.55 4.66 -0.55
C GLU A 32 -2.98 4.65 0.92
N LEU A 33 -2.10 4.14 1.76
CA LEU A 33 -2.37 4.06 3.19
C LEU A 33 -2.92 5.40 3.67
N VAL A 34 -2.46 6.46 3.01
CA VAL A 34 -2.89 7.81 3.37
C VAL A 34 -4.42 7.85 3.37
N GLN A 35 -5.01 7.14 2.43
CA GLN A 35 -6.46 7.09 2.33
C GLN A 35 -7.08 6.60 3.63
N LYS A 36 -6.28 5.82 4.37
CA LYS A 36 -6.75 5.28 5.64
C LYS A 36 -7.06 6.43 6.60
N TYR A 37 -6.40 7.56 6.35
CA TYR A 37 -6.61 8.72 7.18
C TYR A 37 -8.08 8.88 7.58
N SER A 38 -8.94 8.35 6.72
CA SER A 38 -10.37 8.42 6.96
C SER A 38 -10.70 7.84 8.34
N ASN A 39 -9.97 6.79 8.71
CA ASN A 39 -10.17 6.15 9.99
C ASN A 39 -10.09 7.20 11.10
N SER A 40 -9.31 8.24 10.83
CA SER A 40 -9.14 9.32 11.79
C SER A 40 -10.51 9.91 12.16
N ALA A 41 -11.49 9.58 11.35
CA ALA A 41 -12.84 10.07 11.57
C ALA A 41 -13.32 9.63 12.96
N LEU A 42 -12.90 8.43 13.33
CA LEU A 42 -13.27 7.88 14.63
C LEU A 42 -12.15 8.15 15.64
N GLY A 43 -10.93 8.27 15.11
CA GLY A 43 -9.78 8.53 15.95
C GLY A 43 -9.45 7.31 16.82
N HIS A 44 -9.62 6.13 16.23
CA HIS A 44 -9.35 4.90 16.94
C HIS A 44 -8.25 4.12 16.20
N VAL A 45 -8.66 3.44 15.15
CA VAL A 45 -7.73 2.65 14.35
C VAL A 45 -6.71 3.58 13.70
N ASN A 46 -7.20 4.75 13.29
CA ASN A 46 -6.34 5.72 12.65
C ASN A 46 -5.02 5.83 13.43
N CYS A 47 -5.13 5.65 14.74
CA CYS A 47 -3.96 5.72 15.59
C CYS A 47 -2.92 4.72 15.08
N THR A 48 -3.42 3.55 14.70
CA THR A 48 -2.55 2.50 14.18
C THR A 48 -2.11 2.83 12.76
N ILE A 49 -3.01 3.46 12.02
CA ILE A 49 -2.73 3.84 10.64
C ILE A 49 -1.49 4.72 10.60
N LYS A 50 -1.41 5.64 11.56
CA LYS A 50 -0.29 6.54 11.65
C LYS A 50 1.02 5.75 11.62
N GLU A 51 0.97 4.57 12.22
CA GLU A 51 2.13 3.71 12.27
C GLU A 51 2.45 3.17 10.88
N LEU A 52 1.39 2.82 10.15
CA LEU A 52 1.55 2.30 8.81
C LEU A 52 2.07 3.40 7.89
N ARG A 53 1.44 4.56 7.99
CA ARG A 53 1.84 5.70 7.18
C ARG A 53 3.34 5.99 7.36
N ARG A 54 3.75 5.99 8.62
CA ARG A 54 5.15 6.24 8.94
C ARG A 54 5.51 5.59 10.28
N ARG A 1 -3.84 13.62 -19.88
CA ARG A 1 -3.73 12.29 -20.47
C ARG A 1 -3.40 11.25 -19.39
N ILE A 2 -2.21 11.40 -18.83
CA ILE A 2 -1.76 10.48 -17.79
C ILE A 2 -2.26 9.08 -18.10
N TYR A 3 -2.59 8.35 -17.04
CA TYR A 3 -3.08 6.99 -17.19
C TYR A 3 -3.07 6.25 -15.85
N LYS A 4 -2.05 6.57 -15.05
CA LYS A 4 -1.91 5.94 -13.74
C LYS A 4 -3.26 6.00 -13.00
N GLY A 5 -3.97 7.08 -13.25
CA GLY A 5 -5.27 7.28 -12.61
C GLY A 5 -6.39 6.66 -13.45
N VAL A 6 -6.05 5.56 -14.12
CA VAL A 6 -7.00 4.86 -14.95
C VAL A 6 -7.29 3.48 -14.36
N ILE A 7 -7.76 2.59 -15.21
CA ILE A 7 -8.08 1.24 -14.78
C ILE A 7 -7.00 0.28 -15.31
N GLN A 8 -6.68 0.44 -16.59
CA GLN A 8 -5.68 -0.41 -17.22
C GLN A 8 -4.36 -0.31 -16.47
N ALA A 9 -4.19 0.81 -15.78
CA ALA A 9 -2.98 1.05 -15.02
C ALA A 9 -2.59 -0.24 -14.29
N ILE A 10 -3.59 -1.06 -14.01
CA ILE A 10 -3.36 -2.32 -13.32
C ILE A 10 -2.16 -3.03 -13.95
N GLN A 11 -1.88 -2.68 -15.20
CA GLN A 11 -0.77 -3.26 -15.91
C GLN A 11 0.47 -3.34 -15.01
N LYS A 12 0.51 -2.43 -14.05
CA LYS A 12 1.63 -2.38 -13.12
C LYS A 12 1.92 -3.79 -12.60
N SER A 13 0.87 -4.58 -12.53
CA SER A 13 0.99 -5.95 -12.06
C SER A 13 1.97 -6.72 -12.94
N ASP A 14 1.96 -6.38 -14.22
CA ASP A 14 2.83 -7.04 -15.19
C ASP A 14 4.26 -6.54 -14.98
N GLU A 15 4.36 -5.30 -14.52
CA GLU A 15 5.66 -4.70 -14.28
C GLU A 15 6.31 -5.31 -13.03
N GLY A 16 5.51 -6.08 -12.31
CA GLY A 16 5.99 -6.72 -11.10
C GLY A 16 6.31 -8.21 -11.36
N HIS A 17 7.16 -8.43 -12.35
CA HIS A 17 7.55 -9.77 -12.71
C HIS A 17 8.32 -10.41 -11.54
N PRO A 18 9.39 -9.70 -11.10
CA PRO A 18 10.22 -10.18 -10.01
C PRO A 18 9.49 -10.00 -8.67
N PHE A 19 9.82 -10.89 -7.74
CA PHE A 19 9.23 -10.83 -6.42
C PHE A 19 9.64 -9.57 -5.67
N ARG A 20 10.89 -9.17 -5.90
CA ARG A 20 11.42 -7.98 -5.26
C ARG A 20 10.64 -6.74 -5.72
N ALA A 21 10.17 -6.80 -6.95
CA ALA A 21 9.42 -5.70 -7.53
C ALA A 21 8.19 -5.42 -6.64
N TYR A 22 7.53 -6.49 -6.26
CA TYR A 22 6.35 -6.38 -5.43
C TYR A 22 6.68 -5.75 -4.07
N LEU A 23 7.87 -6.09 -3.59
CA LEU A 23 8.33 -5.56 -2.30
C LEU A 23 8.25 -4.04 -2.33
N GLU A 24 8.78 -3.46 -3.41
CA GLU A 24 8.78 -2.02 -3.56
C GLU A 24 7.37 -1.47 -3.37
N SER A 25 6.39 -2.31 -3.67
CA SER A 25 5.00 -1.92 -3.55
C SER A 25 4.72 -1.42 -2.13
N GLU A 26 5.60 -1.80 -1.22
CA GLU A 26 5.47 -1.40 0.17
C GLU A 26 5.46 0.13 0.28
N VAL A 27 6.12 0.77 -0.67
CA VAL A 27 6.20 2.21 -0.69
C VAL A 27 4.84 2.79 -1.12
N ALA A 28 4.18 2.05 -2.00
CA ALA A 28 2.89 2.47 -2.52
C ALA A 28 1.84 2.34 -1.40
N ILE A 29 1.85 1.18 -0.76
CA ILE A 29 0.92 0.93 0.32
C ILE A 29 1.13 1.95 1.43
N SER A 30 2.39 2.28 1.68
CA SER A 30 2.74 3.23 2.70
C SER A 30 2.00 4.55 2.45
N GLU A 31 1.99 4.96 1.19
CA GLU A 31 1.33 6.19 0.79
C GLU A 31 -0.19 6.05 0.93
N GLU A 32 -0.67 4.86 0.58
CA GLU A 32 -2.09 4.58 0.66
C GLU A 32 -2.54 4.48 2.12
N LEU A 33 -1.74 3.77 2.91
CA LEU A 33 -2.04 3.60 4.31
C LEU A 33 -2.40 4.95 4.92
N VAL A 34 -1.78 6.00 4.40
CA VAL A 34 -2.03 7.34 4.87
C VAL A 34 -3.53 7.64 4.79
N GLN A 35 -4.15 7.11 3.74
CA GLN A 35 -5.57 7.30 3.53
C GLN A 35 -6.36 6.71 4.69
N LYS A 36 -5.74 5.75 5.36
CA LYS A 36 -6.38 5.09 6.49
C LYS A 36 -6.71 6.13 7.56
N TYR A 37 -5.87 7.14 7.64
CA TYR A 37 -6.06 8.20 8.62
C TYR A 37 -7.53 8.61 8.70
N SER A 38 -8.23 8.38 7.60
CA SER A 38 -9.64 8.72 7.54
C SER A 38 -10.40 8.06 8.69
N ASN A 39 -9.97 6.85 9.03
CA ASN A 39 -10.59 6.10 10.10
C ASN A 39 -10.70 7.00 11.34
N SER A 40 -9.76 7.92 11.45
CA SER A 40 -9.74 8.84 12.57
C SER A 40 -11.05 9.63 12.62
N ALA A 41 -11.78 9.58 11.53
CA ALA A 41 -13.05 10.28 11.44
C ALA A 41 -14.02 9.70 12.46
N LEU A 42 -13.91 8.38 12.65
CA LEU A 42 -14.77 7.69 13.59
C LEU A 42 -14.28 7.97 15.02
N GLY A 43 -13.17 7.35 15.36
CA GLY A 43 -12.59 7.53 16.68
C GLY A 43 -11.18 6.95 16.74
N HIS A 44 -10.50 7.02 15.61
CA HIS A 44 -9.13 6.51 15.52
C HIS A 44 -9.16 4.97 15.53
N VAL A 45 -8.79 4.40 14.40
CA VAL A 45 -8.75 2.96 14.26
C VAL A 45 -7.94 2.58 13.02
N ASN A 46 -6.97 3.41 12.71
CA ASN A 46 -6.12 3.19 11.56
C ASN A 46 -5.11 4.32 11.44
N CYS A 47 -5.54 5.51 11.83
CA CYS A 47 -4.67 6.67 11.78
C CYS A 47 -3.39 6.36 12.56
N THR A 48 -3.54 5.49 13.55
CA THR A 48 -2.42 5.10 14.37
C THR A 48 -1.45 4.23 13.57
N ILE A 49 -2.01 3.42 12.69
CA ILE A 49 -1.22 2.53 11.86
C ILE A 49 -0.60 3.34 10.72
N LYS A 50 -1.43 4.12 10.07
CA LYS A 50 -0.99 4.94 8.95
C LYS A 50 0.20 5.80 9.41
N GLU A 51 0.13 6.22 10.67
CA GLU A 51 1.19 7.04 11.23
C GLU A 51 2.54 6.35 11.08
N LEU A 52 2.52 5.03 11.12
CA LEU A 52 3.73 4.25 10.99
C LEU A 52 4.38 4.57 9.64
N ARG A 53 3.60 4.40 8.59
CA ARG A 53 4.09 4.67 7.25
C ARG A 53 4.28 6.17 7.03
N ARG A 54 3.41 6.94 7.66
CA ARG A 54 3.47 8.39 7.56
C ARG A 54 3.16 9.04 8.91
N ARG A 1 0.91 9.93 -11.06
CA ARG A 1 -0.53 10.07 -10.93
C ARG A 1 -1.20 9.87 -12.28
N ILE A 2 -1.20 8.63 -12.73
CA ILE A 2 -1.81 8.29 -14.01
C ILE A 2 -3.29 8.69 -13.99
N TYR A 3 -3.97 8.39 -15.09
CA TYR A 3 -5.37 8.71 -15.21
C TYR A 3 -6.10 7.68 -16.09
N LYS A 4 -5.46 7.36 -17.20
CA LYS A 4 -6.03 6.40 -18.12
C LYS A 4 -5.38 5.03 -17.90
N GLY A 5 -4.17 5.07 -17.37
CA GLY A 5 -3.42 3.85 -17.10
C GLY A 5 -1.96 3.99 -17.52
N VAL A 6 -1.77 4.59 -18.68
CA VAL A 6 -0.43 4.80 -19.22
C VAL A 6 0.14 3.46 -19.67
N ILE A 7 1.24 3.54 -20.41
CA ILE A 7 1.90 2.35 -20.91
C ILE A 7 2.75 1.73 -19.79
N GLN A 8 3.51 2.59 -19.14
CA GLN A 8 4.38 2.14 -18.06
C GLN A 8 3.59 1.28 -17.08
N ALA A 9 2.29 1.51 -17.05
CA ALA A 9 1.42 0.76 -16.16
C ALA A 9 1.56 -0.74 -16.44
N ILE A 10 1.90 -1.03 -17.69
CA ILE A 10 2.07 -2.42 -18.11
C ILE A 10 3.32 -3.00 -17.45
N GLN A 11 4.22 -2.11 -17.07
CA GLN A 11 5.45 -2.52 -16.42
C GLN A 11 5.16 -3.53 -15.31
N LYS A 12 3.93 -3.48 -14.82
CA LYS A 12 3.52 -4.39 -13.76
C LYS A 12 3.95 -5.81 -14.11
N SER A 13 3.98 -6.09 -15.41
CA SER A 13 4.37 -7.39 -15.88
C SER A 13 5.80 -7.72 -15.42
N ASP A 14 6.61 -6.68 -15.36
CA ASP A 14 7.99 -6.83 -14.94
C ASP A 14 8.04 -7.05 -13.42
N GLU A 15 7.05 -6.47 -12.74
CA GLU A 15 6.97 -6.60 -11.30
C GLU A 15 6.45 -7.99 -10.92
N GLY A 16 6.12 -8.76 -11.94
CA GLY A 16 5.61 -10.11 -11.73
C GLY A 16 6.69 -11.16 -12.01
N HIS A 17 7.76 -11.09 -11.22
CA HIS A 17 8.86 -12.03 -11.38
C HIS A 17 9.93 -11.75 -10.32
N PRO A 18 10.45 -10.49 -10.34
CA PRO A 18 11.47 -10.08 -9.40
C PRO A 18 10.87 -9.83 -8.02
N PHE A 19 11.62 -10.21 -7.00
CA PHE A 19 11.17 -10.03 -5.62
C PHE A 19 11.27 -8.57 -5.20
N ARG A 20 12.31 -7.91 -5.70
CA ARG A 20 12.54 -6.52 -5.39
C ARG A 20 11.38 -5.66 -5.90
N ALA A 21 10.79 -6.11 -7.00
CA ALA A 21 9.68 -5.40 -7.60
C ALA A 21 8.55 -5.28 -6.58
N TYR A 22 8.32 -6.37 -5.87
CA TYR A 22 7.27 -6.40 -4.85
C TYR A 22 7.58 -5.43 -3.72
N LEU A 23 8.87 -5.32 -3.41
CA LEU A 23 9.31 -4.44 -2.34
C LEU A 23 8.79 -3.03 -2.61
N GLU A 24 8.97 -2.58 -3.85
CA GLU A 24 8.52 -1.26 -4.24
C GLU A 24 7.05 -1.07 -3.90
N SER A 25 6.34 -2.19 -3.86
CA SER A 25 4.91 -2.16 -3.55
C SER A 25 4.69 -1.45 -2.21
N GLU A 26 5.76 -1.39 -1.43
CA GLU A 26 5.70 -0.74 -0.12
C GLU A 26 5.25 0.71 -0.27
N VAL A 27 5.56 1.28 -1.43
CA VAL A 27 5.20 2.66 -1.71
C VAL A 27 3.69 2.74 -1.98
N ALA A 28 3.18 1.70 -2.62
CA ALA A 28 1.76 1.64 -2.94
C ALA A 28 0.95 1.55 -1.64
N ILE A 29 1.53 0.86 -0.67
CA ILE A 29 0.88 0.68 0.61
C ILE A 29 1.06 1.94 1.46
N SER A 30 2.24 2.54 1.31
CA SER A 30 2.57 3.75 2.04
C SER A 30 1.49 4.81 1.81
N GLU A 31 1.20 5.06 0.54
CA GLU A 31 0.20 6.04 0.18
C GLU A 31 -1.20 5.53 0.54
N GLU A 32 -1.38 4.23 0.41
CA GLU A 32 -2.66 3.61 0.72
C GLU A 32 -2.96 3.76 2.21
N LEU A 33 -1.99 3.40 3.02
CA LEU A 33 -2.15 3.49 4.46
C LEU A 33 -2.60 4.90 4.84
N VAL A 34 -1.99 5.88 4.18
CA VAL A 34 -2.33 7.27 4.44
C VAL A 34 -3.82 7.49 4.14
N GLN A 35 -4.29 6.83 3.10
CA GLN A 35 -5.68 6.94 2.71
C GLN A 35 -6.59 6.40 3.81
N LYS A 36 -6.03 5.48 4.59
CA LYS A 36 -6.77 4.88 5.68
C LYS A 36 -7.11 5.95 6.73
N TYR A 37 -6.22 6.92 6.83
CA TYR A 37 -6.40 8.00 7.78
C TYR A 37 -7.86 8.47 7.80
N SER A 38 -8.52 8.28 6.68
CA SER A 38 -9.91 8.67 6.55
C SER A 38 -10.75 8.03 7.66
N ASN A 39 -10.41 6.78 7.95
CA ASN A 39 -11.10 6.03 8.98
C ASN A 39 -10.78 6.63 10.36
N SER A 40 -9.57 7.16 10.46
CA SER A 40 -9.12 7.77 11.69
C SER A 40 -10.07 8.89 12.10
N ALA A 41 -10.88 9.32 11.14
CA ALA A 41 -11.84 10.38 11.39
C ALA A 41 -12.81 9.95 12.49
N LEU A 42 -13.20 8.68 12.42
CA LEU A 42 -14.12 8.13 13.39
C LEU A 42 -13.59 8.38 14.80
N GLY A 43 -12.70 7.49 15.23
CA GLY A 43 -12.11 7.60 16.55
C GLY A 43 -10.58 7.50 16.48
N HIS A 44 -10.05 7.80 15.30
CA HIS A 44 -8.62 7.74 15.08
C HIS A 44 -8.14 6.29 15.20
N VAL A 45 -8.89 5.39 14.59
CA VAL A 45 -8.55 3.98 14.62
C VAL A 45 -7.41 3.71 13.64
N ASN A 46 -7.26 4.64 12.70
CA ASN A 46 -6.20 4.51 11.69
C ASN A 46 -4.98 5.29 12.15
N CYS A 47 -5.23 6.37 12.85
CA CYS A 47 -4.15 7.22 13.34
C CYS A 47 -3.19 6.34 14.17
N THR A 48 -3.77 5.33 14.79
CA THR A 48 -2.99 4.41 15.60
C THR A 48 -2.00 3.63 14.73
N ILE A 49 -2.55 3.01 13.68
CA ILE A 49 -1.75 2.23 12.77
C ILE A 49 -0.87 3.16 11.93
N LYS A 50 -1.41 4.36 11.70
CA LYS A 50 -0.70 5.35 10.91
C LYS A 50 0.73 5.49 11.43
N GLU A 51 0.88 5.23 12.73
CA GLU A 51 2.19 5.32 13.36
C GLU A 51 3.20 4.47 12.59
N LEU A 52 2.71 3.40 11.98
CA LEU A 52 3.56 2.52 11.22
C LEU A 52 4.26 3.31 10.11
N ARG A 53 3.45 3.96 9.28
CA ARG A 53 3.97 4.75 8.19
C ARG A 53 4.90 5.85 8.73
N ARG A 54 4.44 6.47 9.82
CA ARG A 54 5.22 7.54 10.44
C ARG A 54 5.74 7.09 11.80
N ARG A 1 -5.13 -2.40 -21.46
CA ARG A 1 -4.89 -1.60 -20.27
C ARG A 1 -5.23 -2.40 -19.01
N ILE A 2 -4.37 -3.36 -18.71
CA ILE A 2 -4.56 -4.20 -17.55
C ILE A 2 -4.70 -3.32 -16.31
N TYR A 3 -5.21 -3.93 -15.24
CA TYR A 3 -5.42 -3.21 -14.00
C TYR A 3 -5.33 -4.17 -12.80
N LYS A 4 -4.69 -5.30 -13.03
CA LYS A 4 -4.55 -6.30 -11.98
C LYS A 4 -5.92 -6.87 -11.63
N GLY A 5 -6.90 -6.52 -12.45
CA GLY A 5 -8.26 -6.99 -12.24
C GLY A 5 -8.34 -8.51 -12.36
N VAL A 6 -7.25 -9.10 -12.84
CA VAL A 6 -7.18 -10.54 -13.02
C VAL A 6 -6.76 -11.19 -11.70
N ILE A 7 -7.44 -12.28 -11.38
CA ILE A 7 -7.14 -13.01 -10.15
C ILE A 7 -5.94 -13.92 -10.38
N GLN A 8 -6.00 -14.66 -11.47
CA GLN A 8 -4.91 -15.57 -11.81
C GLN A 8 -3.59 -14.81 -11.91
N ALA A 9 -3.70 -13.52 -12.21
CA ALA A 9 -2.52 -12.69 -12.33
C ALA A 9 -1.54 -13.02 -11.20
N ILE A 10 -2.11 -13.48 -10.09
CA ILE A 10 -1.30 -13.84 -8.94
C ILE A 10 -0.13 -14.73 -9.40
N GLN A 11 -0.31 -15.36 -10.54
CA GLN A 11 0.71 -16.23 -11.09
C GLN A 11 2.07 -15.53 -11.04
N LYS A 12 2.03 -14.21 -10.99
CA LYS A 12 3.24 -13.42 -10.95
C LYS A 12 4.21 -14.04 -9.94
N SER A 13 3.62 -14.63 -8.90
CA SER A 13 4.42 -15.26 -7.85
C SER A 13 5.31 -16.35 -8.46
N ASP A 14 4.76 -17.03 -9.45
CA ASP A 14 5.48 -18.10 -10.12
C ASP A 14 6.58 -17.50 -11.00
N GLU A 15 6.31 -16.29 -11.48
CA GLU A 15 7.26 -15.60 -12.33
C GLU A 15 8.53 -15.28 -11.55
N GLY A 16 8.43 -15.40 -10.23
CA GLY A 16 9.56 -15.13 -9.36
C GLY A 16 10.01 -13.67 -9.48
N HIS A 17 9.08 -12.78 -9.15
CA HIS A 17 9.36 -11.35 -9.21
C HIS A 17 10.68 -11.05 -8.49
N PRO A 18 11.27 -9.88 -8.83
CA PRO A 18 12.52 -9.47 -8.22
C PRO A 18 12.29 -8.98 -6.79
N PHE A 19 13.39 -8.57 -6.16
CA PHE A 19 13.33 -8.09 -4.80
C PHE A 19 12.99 -6.60 -4.76
N ARG A 20 13.50 -5.88 -5.75
CA ARG A 20 13.25 -4.45 -5.84
C ARG A 20 11.79 -4.19 -6.21
N ALA A 21 11.24 -5.10 -7.00
CA ALA A 21 9.86 -4.99 -7.43
C ALA A 21 8.95 -4.91 -6.21
N TYR A 22 9.34 -5.65 -5.18
CA TYR A 22 8.55 -5.68 -3.96
C TYR A 22 8.74 -4.39 -3.15
N LEU A 23 9.96 -3.87 -3.22
CA LEU A 23 10.28 -2.63 -2.52
C LEU A 23 9.30 -1.54 -2.92
N GLU A 24 9.10 -1.43 -4.23
CA GLU A 24 8.19 -0.43 -4.76
C GLU A 24 6.82 -0.54 -4.09
N SER A 25 6.52 -1.75 -3.64
CA SER A 25 5.25 -2.01 -2.98
C SER A 25 5.07 -1.05 -1.81
N GLU A 26 6.18 -0.48 -1.36
CA GLU A 26 6.16 0.45 -0.25
C GLU A 26 5.25 1.64 -0.57
N VAL A 27 5.37 2.12 -1.80
CA VAL A 27 4.56 3.25 -2.24
C VAL A 27 3.14 2.78 -2.51
N ALA A 28 3.03 1.55 -3.00
CA ALA A 28 1.73 0.97 -3.30
C ALA A 28 0.96 0.78 -2.00
N ILE A 29 1.69 0.39 -0.96
CA ILE A 29 1.08 0.15 0.34
C ILE A 29 0.86 1.50 1.03
N SER A 30 1.77 2.43 0.77
CA SER A 30 1.69 3.75 1.36
C SER A 30 0.31 4.36 1.09
N GLU A 31 -0.06 4.36 -0.18
CA GLU A 31 -1.35 4.91 -0.59
C GLU A 31 -2.48 4.13 0.08
N GLU A 32 -2.26 2.84 0.24
CA GLU A 32 -3.25 1.98 0.85
C GLU A 32 -3.31 2.23 2.36
N LEU A 33 -2.17 2.60 2.91
CA LEU A 33 -2.08 2.88 4.33
C LEU A 33 -2.54 4.31 4.60
N VAL A 34 -1.99 5.24 3.83
CA VAL A 34 -2.33 6.64 3.98
C VAL A 34 -3.84 6.81 3.86
N GLN A 35 -4.41 6.08 2.91
CA GLN A 35 -5.85 6.14 2.68
C GLN A 35 -6.60 5.75 3.95
N LYS A 36 -5.91 5.01 4.82
CA LYS A 36 -6.50 4.58 6.07
C LYS A 36 -6.80 5.80 6.93
N TYR A 37 -5.97 6.82 6.78
CA TYR A 37 -6.15 8.05 7.53
C TYR A 37 -7.62 8.45 7.61
N SER A 38 -8.38 8.01 6.62
CA SER A 38 -9.79 8.31 6.56
C SER A 38 -10.49 7.82 7.83
N ASN A 39 -10.01 6.68 8.32
CA ASN A 39 -10.58 6.09 9.53
C ASN A 39 -10.48 7.10 10.67
N SER A 40 -9.48 7.97 10.58
CA SER A 40 -9.28 8.99 11.59
C SER A 40 -10.53 9.85 11.73
N ALA A 41 -11.39 9.76 10.73
CA ALA A 41 -12.63 10.52 10.73
C ALA A 41 -13.55 9.99 11.83
N LEU A 42 -13.49 8.67 12.03
CA LEU A 42 -14.31 8.03 13.03
C LEU A 42 -14.03 8.67 14.39
N GLY A 43 -13.00 8.18 15.05
CA GLY A 43 -12.62 8.71 16.36
C GLY A 43 -11.12 9.03 16.40
N HIS A 44 -10.49 8.90 15.25
CA HIS A 44 -9.06 9.18 15.15
C HIS A 44 -8.27 7.91 15.43
N VAL A 45 -8.45 6.92 14.57
CA VAL A 45 -7.76 5.65 14.71
C VAL A 45 -6.39 5.74 14.03
N ASN A 46 -6.28 6.71 13.14
CA ASN A 46 -5.04 6.91 12.42
C ASN A 46 -3.85 6.70 13.36
N CYS A 47 -4.09 7.00 14.63
CA CYS A 47 -3.06 6.85 15.64
C CYS A 47 -2.49 5.42 15.54
N THR A 48 -3.40 4.47 15.40
CA THR A 48 -3.01 3.07 15.28
C THR A 48 -2.33 2.82 13.93
N ILE A 49 -2.80 3.52 12.92
CA ILE A 49 -2.25 3.39 11.58
C ILE A 49 -0.79 3.84 11.60
N LYS A 50 -0.51 4.81 12.45
CA LYS A 50 0.84 5.34 12.55
C LYS A 50 1.83 4.18 12.75
N GLU A 51 1.36 3.16 13.45
CA GLU A 51 2.18 1.99 13.72
C GLU A 51 2.49 1.26 12.41
N LEU A 52 1.53 1.28 11.51
CA LEU A 52 1.69 0.63 10.22
C LEU A 52 2.73 1.39 9.39
N ARG A 53 2.45 2.66 9.17
CA ARG A 53 3.34 3.52 8.40
C ARG A 53 4.67 3.69 9.15
N ARG A 54 4.57 3.72 10.47
CA ARG A 54 5.74 3.88 11.31
C ARG A 54 5.41 3.56 12.76
N ARG A 1 -4.39 -20.75 18.71
CA ARG A 1 -4.05 -21.57 17.56
C ARG A 1 -4.38 -20.83 16.26
N ILE A 2 -3.33 -20.35 15.62
CA ILE A 2 -3.49 -19.63 14.36
C ILE A 2 -3.37 -20.61 13.20
N TYR A 3 -2.15 -21.07 12.98
CA TYR A 3 -1.89 -22.02 11.90
C TYR A 3 -1.91 -21.31 10.55
N LYS A 4 -2.99 -20.56 10.32
CA LYS A 4 -3.14 -19.84 9.07
C LYS A 4 -1.78 -19.30 8.63
N GLY A 5 -0.97 -18.96 9.63
CA GLY A 5 0.37 -18.42 9.35
C GLY A 5 0.85 -17.56 10.52
N VAL A 6 -0.11 -16.90 11.17
CA VAL A 6 0.22 -16.04 12.29
C VAL A 6 0.82 -14.73 11.77
N ILE A 7 1.85 -14.28 12.47
CA ILE A 7 2.53 -13.05 12.10
C ILE A 7 3.86 -13.39 11.44
N GLN A 8 4.61 -14.27 12.10
CA GLN A 8 5.90 -14.68 11.59
C GLN A 8 5.76 -15.27 10.18
N ALA A 9 4.57 -15.78 9.91
CA ALA A 9 4.28 -16.38 8.61
C ALA A 9 4.84 -15.46 7.51
N ILE A 10 4.87 -14.17 7.81
CA ILE A 10 5.36 -13.19 6.87
C ILE A 10 6.71 -13.66 6.32
N GLN A 11 7.37 -14.51 7.10
CA GLN A 11 8.67 -15.04 6.73
C GLN A 11 8.65 -15.46 5.25
N LYS A 12 7.47 -15.84 4.80
CA LYS A 12 7.30 -16.28 3.41
C LYS A 12 8.00 -15.29 2.48
N SER A 13 8.02 -14.04 2.91
CA SER A 13 8.66 -12.99 2.12
C SER A 13 10.16 -13.26 2.01
N ASP A 14 10.71 -13.79 3.09
CA ASP A 14 12.13 -14.10 3.13
C ASP A 14 12.40 -15.35 2.28
N GLU A 15 11.46 -16.28 2.35
CA GLU A 15 11.58 -17.51 1.60
C GLU A 15 11.04 -17.34 0.18
N GLY A 16 10.48 -16.16 -0.06
CA GLY A 16 9.93 -15.84 -1.37
C GLY A 16 10.94 -16.12 -2.47
N HIS A 17 11.71 -15.08 -2.79
CA HIS A 17 12.73 -15.19 -3.82
C HIS A 17 13.21 -13.79 -4.22
N PRO A 18 12.23 -12.95 -4.64
CA PRO A 18 12.54 -11.58 -5.05
C PRO A 18 12.83 -10.70 -3.84
N PHE A 19 12.77 -9.40 -4.07
CA PHE A 19 13.03 -8.44 -3.00
C PHE A 19 12.79 -7.01 -3.50
N ARG A 20 13.17 -6.77 -4.74
CA ARG A 20 13.01 -5.45 -5.33
C ARG A 20 11.54 -5.21 -5.70
N ALA A 21 10.95 -6.21 -6.32
CA ALA A 21 9.54 -6.12 -6.72
C ALA A 21 8.69 -5.82 -5.48
N TYR A 22 9.11 -6.36 -4.36
CA TYR A 22 8.39 -6.16 -3.11
C TYR A 22 8.67 -4.76 -2.55
N LEU A 23 9.90 -4.31 -2.75
CA LEU A 23 10.30 -3.00 -2.27
C LEU A 23 9.34 -1.94 -2.80
N GLU A 24 9.08 -2.02 -4.10
CA GLU A 24 8.19 -1.08 -4.75
C GLU A 24 6.84 -1.04 -4.02
N SER A 25 6.52 -2.16 -3.37
CA SER A 25 5.27 -2.27 -2.63
C SER A 25 5.17 -1.13 -1.61
N GLU A 26 6.32 -0.54 -1.31
CA GLU A 26 6.37 0.56 -0.36
C GLU A 26 5.49 1.71 -0.82
N VAL A 27 5.60 2.02 -2.11
CA VAL A 27 4.83 3.10 -2.69
C VAL A 27 3.37 2.64 -2.84
N ALA A 28 3.21 1.36 -3.13
CA ALA A 28 1.89 0.79 -3.30
C ALA A 28 1.10 0.92 -1.99
N ILE A 29 1.82 0.73 -0.89
CA ILE A 29 1.20 0.83 0.42
C ILE A 29 1.04 2.31 0.80
N SER A 30 1.98 3.10 0.34
CA SER A 30 1.96 4.54 0.63
C SER A 30 0.62 5.13 0.18
N GLU A 31 0.08 4.55 -0.89
CA GLU A 31 -1.19 5.01 -1.42
C GLU A 31 -2.33 4.67 -0.46
N GLU A 32 -2.34 3.41 -0.03
CA GLU A 32 -3.37 2.94 0.88
C GLU A 32 -3.13 3.50 2.28
N LEU A 33 -1.87 3.44 2.71
CA LEU A 33 -1.50 3.94 4.02
C LEU A 33 -2.10 5.34 4.22
N VAL A 34 -1.73 6.23 3.32
CA VAL A 34 -2.22 7.61 3.38
C VAL A 34 -3.75 7.59 3.37
N GLN A 35 -4.30 6.67 2.58
CA GLN A 35 -5.74 6.55 2.47
C GLN A 35 -6.35 6.17 3.82
N LYS A 36 -5.53 5.53 4.64
CA LYS A 36 -5.97 5.11 5.96
C LYS A 36 -6.37 6.34 6.78
N TYR A 37 -5.70 7.45 6.47
CA TYR A 37 -5.97 8.70 7.16
C TYR A 37 -7.47 8.89 7.38
N SER A 38 -8.25 8.29 6.49
CA SER A 38 -9.69 8.39 6.58
C SER A 38 -10.17 7.93 7.94
N ASN A 39 -9.51 6.90 8.45
CA ASN A 39 -9.86 6.35 9.74
C ASN A 39 -9.89 7.48 10.78
N SER A 40 -9.05 8.47 10.56
CA SER A 40 -8.96 9.61 11.45
C SER A 40 -10.33 10.30 11.55
N ALA A 41 -11.20 9.94 10.63
CA ALA A 41 -12.54 10.51 10.60
C ALA A 41 -13.24 10.22 11.92
N LEU A 42 -12.97 9.03 12.45
CA LEU A 42 -13.57 8.64 13.72
C LEU A 42 -12.58 8.87 14.85
N GLY A 43 -11.30 8.74 14.52
CA GLY A 43 -10.24 8.95 15.49
C GLY A 43 -10.01 7.68 16.32
N HIS A 44 -10.81 6.67 16.02
CA HIS A 44 -10.70 5.40 16.73
C HIS A 44 -10.08 4.35 15.82
N VAL A 45 -8.84 4.63 15.39
CA VAL A 45 -8.13 3.72 14.51
C VAL A 45 -6.86 4.41 14.01
N ASN A 46 -7.03 5.65 13.60
CA ASN A 46 -5.90 6.42 13.09
C ASN A 46 -4.70 6.25 14.01
N CYS A 47 -5.00 6.10 15.30
CA CYS A 47 -3.96 5.92 16.30
C CYS A 47 -3.14 4.70 15.91
N THR A 48 -3.84 3.64 15.51
CA THR A 48 -3.18 2.41 15.11
C THR A 48 -2.54 2.57 13.74
N ILE A 49 -3.18 3.36 12.90
CA ILE A 49 -2.68 3.60 11.56
C ILE A 49 -1.27 4.19 11.64
N LYS A 50 -1.05 4.96 12.70
CA LYS A 50 0.23 5.59 12.91
C LYS A 50 1.33 4.53 12.80
N GLU A 51 1.01 3.34 13.28
CA GLU A 51 1.96 2.24 13.23
C GLU A 51 2.23 1.82 11.79
N LEU A 52 1.19 1.88 10.98
CA LEU A 52 1.29 1.52 9.58
C LEU A 52 2.18 2.53 8.86
N ARG A 53 1.76 3.80 8.95
CA ARG A 53 2.51 4.86 8.32
C ARG A 53 3.88 5.04 8.99
N ARG A 54 3.89 4.79 10.29
CA ARG A 54 5.12 4.92 11.06
C ARG A 54 5.05 4.03 12.31
N ARG A 1 2.59 13.28 -12.62
CA ARG A 1 3.88 13.13 -11.96
C ARG A 1 4.05 11.69 -11.47
N ILE A 2 3.95 10.76 -12.41
CA ILE A 2 4.09 9.35 -12.09
C ILE A 2 5.41 9.14 -11.35
N TYR A 3 5.36 8.23 -10.38
CA TYR A 3 6.54 7.92 -9.59
C TYR A 3 6.73 6.41 -9.46
N LYS A 4 6.38 5.70 -10.52
CA LYS A 4 6.51 4.26 -10.53
C LYS A 4 6.00 3.69 -9.21
N GLY A 5 5.02 4.38 -8.64
CA GLY A 5 4.45 3.96 -7.38
C GLY A 5 2.97 4.33 -7.29
N VAL A 6 2.40 4.59 -8.46
CA VAL A 6 0.99 4.95 -8.53
C VAL A 6 0.15 3.84 -7.90
N ILE A 7 -1.15 3.90 -8.18
CA ILE A 7 -2.07 2.91 -7.66
C ILE A 7 -2.04 1.66 -8.54
N GLN A 8 -2.14 1.89 -9.84
CA GLN A 8 -2.12 0.80 -10.79
C GLN A 8 -0.83 -0.02 -10.64
N ALA A 9 0.20 0.64 -10.10
CA ALA A 9 1.48 -0.01 -9.90
C ALA A 9 1.24 -1.42 -9.37
N ILE A 10 0.13 -1.59 -8.67
CA ILE A 10 -0.22 -2.88 -8.11
C ILE A 10 -0.05 -3.96 -9.18
N GLN A 11 -0.13 -3.52 -10.43
CA GLN A 11 0.01 -4.44 -11.55
C GLN A 11 1.22 -5.36 -11.34
N LYS A 12 2.13 -4.92 -10.49
CA LYS A 12 3.32 -5.68 -10.19
C LYS A 12 2.94 -7.14 -9.95
N SER A 13 1.74 -7.33 -9.42
CA SER A 13 1.25 -8.66 -9.14
C SER A 13 1.20 -9.48 -10.44
N ASP A 14 0.89 -8.80 -11.52
CA ASP A 14 0.81 -9.45 -12.82
C ASP A 14 2.22 -9.80 -13.29
N GLU A 15 3.18 -9.00 -12.85
CA GLU A 15 4.57 -9.23 -13.23
C GLU A 15 5.04 -10.60 -12.73
N GLY A 16 4.78 -10.85 -11.46
CA GLY A 16 5.16 -12.11 -10.85
C GLY A 16 6.49 -12.61 -11.42
N HIS A 17 7.57 -12.05 -10.89
CA HIS A 17 8.90 -12.43 -11.33
C HIS A 17 9.95 -11.67 -10.50
N PRO A 18 9.87 -10.32 -10.58
CA PRO A 18 10.81 -9.47 -9.85
C PRO A 18 10.45 -9.43 -8.37
N PHE A 19 11.48 -9.54 -7.54
CA PHE A 19 11.30 -9.52 -6.10
C PHE A 19 11.24 -8.09 -5.58
N ARG A 20 12.27 -7.33 -5.91
CA ARG A 20 12.34 -5.94 -5.48
C ARG A 20 11.11 -5.17 -5.95
N ALA A 21 10.54 -5.64 -7.05
CA ALA A 21 9.35 -5.00 -7.60
C ALA A 21 8.24 -5.01 -6.55
N TYR A 22 8.22 -6.07 -5.76
CA TYR A 22 7.21 -6.20 -4.72
C TYR A 22 7.54 -5.29 -3.52
N LEU A 23 8.83 -5.19 -3.24
CA LEU A 23 9.29 -4.36 -2.14
C LEU A 23 8.76 -2.94 -2.30
N GLU A 24 8.92 -2.43 -3.52
CA GLU A 24 8.45 -1.09 -3.83
C GLU A 24 6.99 -0.92 -3.42
N SER A 25 6.28 -2.04 -3.43
CA SER A 25 4.87 -2.03 -3.07
C SER A 25 4.69 -1.41 -1.69
N GLU A 26 5.78 -1.37 -0.94
CA GLU A 26 5.75 -0.81 0.40
C GLU A 26 5.29 0.65 0.36
N VAL A 27 5.80 1.36 -0.64
CA VAL A 27 5.44 2.77 -0.80
C VAL A 27 4.02 2.87 -1.35
N ALA A 28 3.69 1.93 -2.22
CA ALA A 28 2.36 1.89 -2.83
C ALA A 28 1.31 1.76 -1.72
N ILE A 29 1.65 0.97 -0.72
CA ILE A 29 0.75 0.75 0.40
C ILE A 29 0.82 1.95 1.35
N SER A 30 2.00 2.53 1.44
CA SER A 30 2.22 3.67 2.30
C SER A 30 1.21 4.77 1.97
N GLU A 31 1.06 5.02 0.67
CA GLU A 31 0.13 6.03 0.21
C GLU A 31 -1.31 5.64 0.56
N GLU A 32 -1.58 4.35 0.49
CA GLU A 32 -2.89 3.83 0.80
C GLU A 32 -3.14 3.87 2.31
N LEU A 33 -2.20 3.29 3.05
CA LEU A 33 -2.30 3.26 4.50
C LEU A 33 -2.61 4.66 5.02
N VAL A 34 -1.80 5.61 4.59
CA VAL A 34 -1.98 6.99 5.01
C VAL A 34 -3.40 7.44 4.68
N GLN A 35 -3.90 6.93 3.56
CA GLN A 35 -5.24 7.27 3.12
C GLN A 35 -6.28 6.66 4.07
N LYS A 36 -5.87 5.59 4.73
CA LYS A 36 -6.75 4.90 5.66
C LYS A 36 -7.16 5.86 6.78
N TYR A 37 -6.24 6.76 7.10
CA TYR A 37 -6.48 7.74 8.15
C TYR A 37 -7.91 8.30 8.05
N SER A 38 -8.44 8.26 6.84
CA SER A 38 -9.79 8.76 6.61
C SER A 38 -10.78 8.06 7.54
N ASN A 39 -10.53 6.78 7.76
CA ASN A 39 -11.38 5.98 8.63
C ASN A 39 -11.16 6.41 10.08
N SER A 40 -9.94 6.87 10.36
CA SER A 40 -9.59 7.31 11.70
C SER A 40 -10.53 8.44 12.14
N ALA A 41 -11.29 8.93 11.18
CA ALA A 41 -12.23 10.01 11.46
C ALA A 41 -13.17 9.58 12.59
N LEU A 42 -13.48 8.28 12.59
CA LEU A 42 -14.36 7.73 13.61
C LEU A 42 -14.01 8.35 14.98
N GLY A 43 -12.94 7.83 15.57
CA GLY A 43 -12.49 8.30 16.86
C GLY A 43 -10.98 8.16 17.00
N HIS A 44 -10.33 8.03 15.86
CA HIS A 44 -8.88 7.88 15.84
C HIS A 44 -8.50 6.41 16.03
N VAL A 45 -8.08 5.79 14.94
CA VAL A 45 -7.69 4.39 14.97
C VAL A 45 -6.67 4.12 13.86
N ASN A 46 -7.06 4.48 12.64
CA ASN A 46 -6.20 4.28 11.50
C ASN A 46 -4.99 5.22 11.61
N CYS A 47 -5.23 6.38 12.19
CA CYS A 47 -4.18 7.37 12.36
C CYS A 47 -3.03 6.72 13.14
N THR A 48 -3.40 5.76 13.97
CA THR A 48 -2.42 5.06 14.78
C THR A 48 -1.65 4.04 13.92
N ILE A 49 -2.36 3.47 12.97
CA ILE A 49 -1.78 2.49 12.08
C ILE A 49 -0.83 3.20 11.11
N LYS A 50 -1.26 4.37 10.66
CA LYS A 50 -0.47 5.15 9.73
C LYS A 50 0.95 5.31 10.27
N GLU A 51 1.04 5.37 11.59
CA GLU A 51 2.33 5.50 12.25
C GLU A 51 3.28 4.39 11.80
N LEU A 52 2.69 3.23 11.54
CA LEU A 52 3.48 2.08 11.10
C LEU A 52 4.22 2.44 9.81
N ARG A 53 3.46 2.90 8.83
CA ARG A 53 4.03 3.27 7.55
C ARG A 53 4.79 4.60 7.68
N ARG A 54 4.20 5.51 8.43
CA ARG A 54 4.80 6.82 8.63
C ARG A 54 5.02 7.07 10.13
N ARG A 1 -12.07 -0.22 -24.78
CA ARG A 1 -12.00 -1.68 -24.81
C ARG A 1 -11.18 -2.14 -26.01
N ILE A 2 -10.05 -1.47 -26.21
CA ILE A 2 -9.18 -1.81 -27.32
C ILE A 2 -8.89 -3.31 -27.30
N TYR A 3 -8.52 -3.80 -26.13
CA TYR A 3 -8.22 -5.21 -25.96
C TYR A 3 -6.93 -5.59 -26.70
N LYS A 4 -6.96 -5.38 -28.01
CA LYS A 4 -5.82 -5.70 -28.85
C LYS A 4 -4.93 -4.46 -28.98
N GLY A 5 -4.31 -4.09 -27.86
CA GLY A 5 -3.44 -2.93 -27.84
C GLY A 5 -2.49 -2.98 -26.64
N VAL A 6 -3.06 -3.25 -25.49
CA VAL A 6 -2.28 -3.33 -24.27
C VAL A 6 -0.96 -4.06 -24.55
N ILE A 7 -1.01 -5.38 -24.38
CA ILE A 7 0.16 -6.19 -24.62
C ILE A 7 1.15 -6.02 -23.46
N GLN A 8 1.18 -4.80 -22.94
CA GLN A 8 2.07 -4.48 -21.84
C GLN A 8 1.92 -5.52 -20.72
N ALA A 9 0.78 -6.18 -20.72
CA ALA A 9 0.50 -7.20 -19.73
C ALA A 9 1.76 -8.05 -19.50
N ILE A 10 2.53 -8.19 -20.57
CA ILE A 10 3.76 -8.97 -20.50
C ILE A 10 4.56 -8.54 -19.28
N GLN A 11 4.39 -7.28 -18.91
CA GLN A 11 5.10 -6.73 -17.77
C GLN A 11 4.97 -7.67 -16.57
N LYS A 12 3.91 -8.48 -16.59
CA LYS A 12 3.67 -9.42 -15.52
C LYS A 12 4.94 -10.22 -15.24
N SER A 13 5.72 -10.43 -16.29
CA SER A 13 6.96 -11.17 -16.17
C SER A 13 7.95 -10.38 -15.30
N ASP A 14 7.85 -9.07 -15.38
CA ASP A 14 8.73 -8.19 -14.62
C ASP A 14 8.28 -8.20 -13.15
N GLU A 15 6.97 -8.25 -12.97
CA GLU A 15 6.41 -8.27 -11.63
C GLU A 15 6.36 -9.70 -11.08
N GLY A 16 6.78 -10.63 -11.92
CA GLY A 16 6.79 -12.03 -11.54
C GLY A 16 8.20 -12.62 -11.66
N HIS A 17 9.06 -12.21 -10.74
CA HIS A 17 10.42 -12.68 -10.72
C HIS A 17 11.21 -11.95 -9.62
N PRO A 18 11.22 -10.60 -9.72
CA PRO A 18 11.94 -9.78 -8.76
C PRO A 18 11.16 -9.71 -7.44
N PHE A 19 11.89 -9.86 -6.35
CA PHE A 19 11.29 -9.81 -5.02
C PHE A 19 11.32 -8.40 -4.46
N ARG A 20 12.48 -7.76 -4.61
CA ARG A 20 12.65 -6.40 -4.12
C ARG A 20 11.63 -5.46 -4.78
N ALA A 21 11.29 -5.79 -6.02
CA ALA A 21 10.34 -4.98 -6.76
C ALA A 21 9.01 -4.95 -6.00
N TYR A 22 8.70 -6.06 -5.34
CA TYR A 22 7.47 -6.16 -4.58
C TYR A 22 7.59 -5.40 -3.26
N LEU A 23 8.78 -5.44 -2.67
CA LEU A 23 9.03 -4.76 -1.42
C LEU A 23 8.68 -3.28 -1.57
N GLU A 24 9.16 -2.69 -2.65
CA GLU A 24 8.90 -1.28 -2.92
C GLU A 24 7.39 -1.00 -2.87
N SER A 25 6.62 -2.04 -3.16
CA SER A 25 5.18 -1.91 -3.15
C SER A 25 4.70 -1.39 -1.79
N GLU A 26 5.58 -1.53 -0.81
CA GLU A 26 5.27 -1.08 0.54
C GLU A 26 4.93 0.41 0.53
N VAL A 27 5.64 1.15 -0.31
CA VAL A 27 5.42 2.58 -0.43
C VAL A 27 4.11 2.84 -1.17
N ALA A 28 3.85 1.99 -2.15
CA ALA A 28 2.63 2.11 -2.93
C ALA A 28 1.42 2.02 -2.01
N ILE A 29 1.53 1.15 -1.01
CA ILE A 29 0.45 0.97 -0.06
C ILE A 29 0.48 2.10 0.96
N SER A 30 1.69 2.55 1.27
CA SER A 30 1.88 3.62 2.24
C SER A 30 1.03 4.84 1.83
N GLU A 31 0.99 5.08 0.53
CA GLU A 31 0.23 6.20 0.00
C GLU A 31 -1.27 5.98 0.23
N GLU A 32 -1.72 4.79 -0.12
CA GLU A 32 -3.12 4.43 0.04
C GLU A 32 -3.46 4.28 1.52
N LEU A 33 -2.50 3.74 2.27
CA LEU A 33 -2.69 3.53 3.69
C LEU A 33 -2.92 4.89 4.37
N VAL A 34 -2.13 5.87 3.94
CA VAL A 34 -2.24 7.21 4.50
C VAL A 34 -3.68 7.71 4.34
N GLN A 35 -4.27 7.36 3.21
CA GLN A 35 -5.64 7.76 2.92
C GLN A 35 -6.60 7.10 3.91
N LYS A 36 -6.19 5.95 4.42
CA LYS A 36 -6.99 5.21 5.36
C LYS A 36 -7.25 6.08 6.60
N TYR A 37 -6.28 6.93 6.90
CA TYR A 37 -6.38 7.81 8.04
C TYR A 37 -7.81 8.38 8.17
N SER A 38 -8.48 8.45 7.03
CA SER A 38 -9.84 8.97 7.00
C SER A 38 -10.72 8.21 8.00
N ASN A 39 -10.45 6.91 8.09
CA ASN A 39 -11.20 6.07 9.00
C ASN A 39 -10.89 6.45 10.44
N SER A 40 -9.67 6.92 10.64
CA SER A 40 -9.23 7.33 11.97
C SER A 40 -10.15 8.43 12.50
N ALA A 41 -10.98 8.97 11.60
CA ALA A 41 -11.91 10.01 11.97
C ALA A 41 -12.79 9.52 13.13
N LEU A 42 -13.06 8.23 13.11
CA LEU A 42 -13.89 7.63 14.14
C LEU A 42 -13.49 8.20 15.51
N GLY A 43 -12.23 8.59 15.60
CA GLY A 43 -11.71 9.14 16.83
C GLY A 43 -10.24 8.78 17.03
N HIS A 44 -9.86 7.64 16.46
CA HIS A 44 -8.50 7.17 16.56
C HIS A 44 -8.46 5.65 16.38
N VAL A 45 -7.77 5.22 15.33
CA VAL A 45 -7.66 3.80 15.04
C VAL A 45 -6.75 3.61 13.82
N ASN A 46 -7.15 4.26 12.74
CA ASN A 46 -6.39 4.17 11.50
C ASN A 46 -5.12 5.01 11.62
N CYS A 47 -5.25 6.12 12.34
CA CYS A 47 -4.12 7.01 12.54
C CYS A 47 -2.98 6.21 13.17
N THR A 48 -3.35 5.20 13.94
CA THR A 48 -2.38 4.35 14.61
C THR A 48 -1.73 3.39 13.61
N ILE A 49 -2.54 2.96 12.64
CA ILE A 49 -2.07 2.05 11.63
C ILE A 49 -1.21 2.81 10.62
N LYS A 50 -1.74 3.93 10.16
CA LYS A 50 -1.03 4.76 9.20
C LYS A 50 0.36 5.12 9.76
N GLU A 51 0.42 5.23 11.08
CA GLU A 51 1.67 5.55 11.74
C GLU A 51 2.76 4.57 11.32
N LEU A 52 2.34 3.34 11.06
CA LEU A 52 3.27 2.30 10.65
C LEU A 52 4.02 2.76 9.39
N ARG A 53 3.24 3.14 8.39
CA ARG A 53 3.81 3.59 7.13
C ARG A 53 4.40 5.00 7.29
N ARG A 54 3.74 5.78 8.13
CA ARG A 54 4.18 7.14 8.38
C ARG A 54 3.17 7.88 9.26
N ARG A 1 19.91 14.32 9.87
CA ARG A 1 20.37 13.39 8.85
C ARG A 1 21.63 12.67 9.31
N ILE A 2 21.55 12.11 10.52
CA ILE A 2 22.68 11.39 11.09
C ILE A 2 23.36 10.57 9.99
N TYR A 3 22.55 10.13 9.04
CA TYR A 3 23.06 9.33 7.94
C TYR A 3 23.40 7.91 8.41
N LYS A 4 24.24 7.84 9.43
CA LYS A 4 24.65 6.56 9.96
C LYS A 4 23.52 5.97 10.82
N GLY A 5 22.65 6.87 11.27
CA GLY A 5 21.53 6.46 12.09
C GLY A 5 20.24 6.36 11.26
N VAL A 6 20.44 6.30 9.95
CA VAL A 6 19.31 6.21 9.03
C VAL A 6 18.60 4.87 9.25
N ILE A 7 19.37 3.80 9.16
CA ILE A 7 18.82 2.46 9.35
C ILE A 7 17.99 2.08 8.12
N GLN A 8 17.09 2.99 7.76
CA GLN A 8 16.22 2.77 6.61
C GLN A 8 17.06 2.43 5.37
N ALA A 9 18.32 2.86 5.41
CA ALA A 9 19.23 2.62 4.31
C ALA A 9 19.01 1.20 3.77
N ILE A 10 18.58 0.32 4.66
CA ILE A 10 18.32 -1.06 4.31
C ILE A 10 17.49 -1.10 3.02
N GLN A 11 16.76 -0.03 2.80
CA GLN A 11 15.92 0.07 1.62
C GLN A 11 16.71 -0.30 0.37
N LYS A 12 18.01 -0.14 0.46
CA LYS A 12 18.90 -0.45 -0.65
C LYS A 12 18.53 -1.82 -1.21
N SER A 13 18.05 -2.68 -0.33
CA SER A 13 17.66 -4.02 -0.73
C SER A 13 16.55 -3.95 -1.79
N ASP A 14 15.68 -2.97 -1.63
CA ASP A 14 14.57 -2.78 -2.55
C ASP A 14 15.11 -2.80 -3.99
N GLU A 15 16.39 -2.44 -4.11
CA GLU A 15 17.03 -2.41 -5.42
C GLU A 15 17.25 -3.84 -5.92
N GLY A 16 16.85 -4.80 -5.10
CA GLY A 16 17.00 -6.20 -5.46
C GLY A 16 16.57 -6.45 -6.91
N HIS A 17 15.33 -6.90 -7.05
CA HIS A 17 14.79 -7.18 -8.37
C HIS A 17 13.65 -8.19 -8.25
N PRO A 18 13.93 -9.28 -7.49
CA PRO A 18 12.94 -10.33 -7.29
C PRO A 18 11.87 -9.89 -6.30
N PHE A 19 12.04 -10.30 -5.06
CA PHE A 19 11.09 -9.96 -4.01
C PHE A 19 11.23 -8.48 -3.61
N ARG A 20 12.48 -8.02 -3.63
CA ARG A 20 12.77 -6.64 -3.28
C ARG A 20 12.01 -5.69 -4.19
N ALA A 21 12.00 -6.02 -5.47
CA ALA A 21 11.31 -5.20 -6.46
C ALA A 21 9.85 -5.06 -6.07
N TYR A 22 9.28 -6.17 -5.62
CA TYR A 22 7.89 -6.19 -5.21
C TYR A 22 7.71 -5.54 -3.83
N LEU A 23 8.70 -5.75 -2.98
CA LEU A 23 8.67 -5.20 -1.65
C LEU A 23 8.44 -3.69 -1.72
N GLU A 24 9.16 -3.06 -2.63
CA GLU A 24 9.04 -1.62 -2.82
C GLU A 24 7.57 -1.23 -3.03
N SER A 25 6.81 -2.18 -3.55
CA SER A 25 5.40 -1.95 -3.80
C SER A 25 4.71 -1.51 -2.51
N GLU A 26 5.36 -1.78 -1.40
CA GLU A 26 4.83 -1.43 -0.09
C GLU A 26 4.59 0.09 -0.02
N VAL A 27 5.38 0.82 -0.80
CA VAL A 27 5.26 2.26 -0.83
C VAL A 27 3.91 2.65 -1.45
N ALA A 28 3.50 1.85 -2.42
CA ALA A 28 2.24 2.10 -3.10
C ALA A 28 1.10 2.09 -2.07
N ILE A 29 1.19 1.16 -1.15
CA ILE A 29 0.17 1.03 -0.11
C ILE A 29 0.43 2.09 0.97
N SER A 30 1.71 2.38 1.18
CA SER A 30 2.10 3.36 2.18
C SER A 30 1.36 4.68 1.93
N GLU A 31 1.32 5.07 0.67
CA GLU A 31 0.66 6.30 0.28
C GLU A 31 -0.86 6.16 0.45
N GLU A 32 -1.35 4.99 0.07
CA GLU A 32 -2.78 4.72 0.17
C GLU A 32 -3.19 4.57 1.64
N LEU A 33 -2.45 3.74 2.35
CA LEU A 33 -2.72 3.50 3.76
C LEU A 33 -2.92 4.86 4.46
N VAL A 34 -2.17 5.84 3.99
CA VAL A 34 -2.26 7.18 4.57
C VAL A 34 -3.69 7.69 4.45
N GLN A 35 -4.32 7.37 3.33
CA GLN A 35 -5.69 7.78 3.09
C GLN A 35 -6.63 7.09 4.07
N LYS A 36 -6.18 5.96 4.58
CA LYS A 36 -6.98 5.20 5.52
C LYS A 36 -7.12 5.99 6.83
N TYR A 37 -6.08 6.78 7.12
CA TYR A 37 -6.08 7.58 8.33
C TYR A 37 -7.44 8.23 8.55
N SER A 38 -8.17 8.40 7.46
CA SER A 38 -9.48 9.01 7.53
C SER A 38 -10.36 8.26 8.54
N ASN A 39 -10.21 6.95 8.55
CA ASN A 39 -10.97 6.11 9.45
C ASN A 39 -10.76 6.59 10.88
N SER A 40 -9.57 7.13 11.12
CA SER A 40 -9.24 7.64 12.45
C SER A 40 -10.20 8.75 12.85
N ALA A 41 -10.95 9.22 11.86
CA ALA A 41 -11.92 10.28 12.09
C ALA A 41 -12.92 9.83 13.16
N LEU A 42 -13.39 8.60 13.00
CA LEU A 42 -14.35 8.04 13.93
C LEU A 42 -13.94 8.39 15.36
N GLY A 43 -13.08 7.55 15.92
CA GLY A 43 -12.60 7.76 17.27
C GLY A 43 -11.07 7.68 17.33
N HIS A 44 -10.47 7.61 16.15
CA HIS A 44 -9.02 7.52 16.06
C HIS A 44 -8.58 6.06 16.17
N VAL A 45 -8.01 5.55 15.09
CA VAL A 45 -7.55 4.18 15.06
C VAL A 45 -6.59 4.00 13.88
N ASN A 46 -7.10 4.26 12.69
CA ASN A 46 -6.31 4.13 11.49
C ASN A 46 -5.09 5.05 11.59
N CYS A 47 -5.29 6.18 12.25
CA CYS A 47 -4.22 7.15 12.42
C CYS A 47 -3.04 6.44 13.09
N THR A 48 -3.36 5.47 13.93
CA THR A 48 -2.33 4.72 14.63
C THR A 48 -1.68 3.71 13.68
N ILE A 49 -2.48 3.18 12.77
CA ILE A 49 -2.00 2.20 11.82
C ILE A 49 -1.19 2.93 10.73
N LYS A 50 -1.78 4.00 10.22
CA LYS A 50 -1.13 4.78 9.18
C LYS A 50 0.24 5.23 9.67
N GLU A 51 0.32 5.47 10.98
CA GLU A 51 1.56 5.91 11.58
C GLU A 51 2.70 4.94 11.23
N LEU A 52 2.33 3.68 11.07
CA LEU A 52 3.30 2.65 10.73
C LEU A 52 4.00 3.03 9.43
N ARG A 53 3.21 3.28 8.40
CA ARG A 53 3.74 3.65 7.11
C ARG A 53 4.27 5.09 7.15
N ARG A 54 3.52 5.94 7.82
CA ARG A 54 3.90 7.34 7.93
C ARG A 54 2.83 8.12 8.70
N ARG A 1 2.68 4.37 -12.34
CA ARG A 1 1.77 3.96 -11.29
C ARG A 1 0.33 4.32 -11.66
N ILE A 2 -0.10 3.78 -12.78
CA ILE A 2 -1.45 4.03 -13.27
C ILE A 2 -2.46 3.40 -12.30
N TYR A 3 -3.66 3.16 -12.81
CA TYR A 3 -4.71 2.57 -12.00
C TYR A 3 -6.04 2.54 -12.76
N LYS A 4 -6.22 3.55 -13.61
CA LYS A 4 -7.44 3.64 -14.40
C LYS A 4 -7.66 2.33 -15.15
N GLY A 5 -6.57 1.60 -15.33
CA GLY A 5 -6.63 0.33 -16.03
C GLY A 5 -5.76 0.35 -17.29
N VAL A 6 -5.92 1.42 -18.06
CA VAL A 6 -5.16 1.57 -19.29
C VAL A 6 -5.15 0.24 -20.05
N ILE A 7 -4.31 0.18 -21.07
CA ILE A 7 -4.21 -1.02 -21.88
C ILE A 7 -2.75 -1.49 -21.90
N GLN A 8 -1.85 -0.54 -22.14
CA GLN A 8 -0.43 -0.84 -22.18
C GLN A 8 0.06 -1.28 -20.79
N ALA A 9 -0.64 -0.80 -19.78
CA ALA A 9 -0.28 -1.13 -18.40
C ALA A 9 0.08 -2.61 -18.33
N ILE A 10 -0.53 -3.38 -19.22
CA ILE A 10 -0.27 -4.81 -19.25
C ILE A 10 1.23 -5.06 -19.21
N GLN A 11 1.98 -4.06 -19.66
CA GLN A 11 3.43 -4.17 -19.68
C GLN A 11 3.95 -4.66 -18.34
N LYS A 12 3.17 -4.39 -17.30
CA LYS A 12 3.54 -4.80 -15.96
C LYS A 12 3.97 -6.27 -15.98
N SER A 13 3.37 -7.02 -16.88
CA SER A 13 3.68 -8.43 -17.01
C SER A 13 5.15 -8.60 -17.37
N ASP A 14 5.66 -7.66 -18.16
CA ASP A 14 7.04 -7.71 -18.59
C ASP A 14 7.95 -7.66 -17.36
N GLU A 15 7.44 -7.01 -16.32
CA GLU A 15 8.20 -6.87 -15.08
C GLU A 15 8.28 -8.22 -14.36
N GLY A 16 7.29 -9.06 -14.63
CA GLY A 16 7.24 -10.37 -14.02
C GLY A 16 7.72 -10.33 -12.58
N HIS A 17 7.03 -9.51 -11.78
CA HIS A 17 7.38 -9.37 -10.38
C HIS A 17 7.68 -10.75 -9.78
N PRO A 18 9.00 -11.01 -9.57
CA PRO A 18 9.44 -12.27 -9.01
C PRO A 18 9.15 -12.33 -7.50
N PHE A 19 9.54 -11.26 -6.82
CA PHE A 19 9.33 -11.18 -5.39
C PHE A 19 9.64 -9.77 -4.86
N ARG A 20 10.81 -9.29 -5.24
CA ARG A 20 11.23 -7.97 -4.82
C ARG A 20 10.33 -6.89 -5.43
N ALA A 21 9.83 -7.20 -6.62
CA ALA A 21 8.95 -6.28 -7.32
C ALA A 21 7.74 -5.98 -6.45
N TYR A 22 7.32 -6.98 -5.69
CA TYR A 22 6.17 -6.83 -4.81
C TYR A 22 6.54 -6.03 -3.56
N LEU A 23 7.76 -6.23 -3.11
CA LEU A 23 8.25 -5.52 -1.93
C LEU A 23 8.11 -4.02 -2.15
N GLU A 24 8.54 -3.58 -3.32
CA GLU A 24 8.47 -2.16 -3.66
C GLU A 24 7.04 -1.64 -3.46
N SER A 25 6.10 -2.56 -3.59
CA SER A 25 4.69 -2.20 -3.42
C SER A 25 4.47 -1.53 -2.07
N GLU A 26 5.42 -1.75 -1.18
CA GLU A 26 5.36 -1.16 0.15
C GLU A 26 5.25 0.36 0.06
N VAL A 27 5.81 0.89 -1.02
CA VAL A 27 5.80 2.33 -1.24
C VAL A 27 4.39 2.77 -1.64
N ALA A 28 3.71 1.88 -2.35
CA ALA A 28 2.36 2.15 -2.80
C ALA A 28 1.42 2.16 -1.59
N ILE A 29 1.61 1.19 -0.72
CA ILE A 29 0.80 1.07 0.47
C ILE A 29 1.10 2.23 1.41
N SER A 30 2.37 2.59 1.46
CA SER A 30 2.81 3.68 2.33
C SER A 30 2.04 4.96 1.97
N GLU A 31 2.02 5.26 0.68
CA GLU A 31 1.34 6.44 0.19
C GLU A 31 -0.18 6.31 0.40
N GLU A 32 -0.65 5.08 0.26
CA GLU A 32 -2.07 4.80 0.43
C GLU A 32 -2.45 4.89 1.91
N LEU A 33 -1.66 4.23 2.74
CA LEU A 33 -1.90 4.22 4.17
C LEU A 33 -2.22 5.65 4.62
N VAL A 34 -1.57 6.61 3.98
CA VAL A 34 -1.78 8.01 4.31
C VAL A 34 -3.27 8.34 4.17
N GLN A 35 -3.84 7.88 3.07
CA GLN A 35 -5.25 8.12 2.80
C GLN A 35 -6.12 7.34 3.78
N LYS A 36 -5.56 6.24 4.27
CA LYS A 36 -6.27 5.39 5.21
C LYS A 36 -6.61 6.21 6.47
N TYR A 37 -5.75 7.17 6.75
CA TYR A 37 -5.94 8.03 7.91
C TYR A 37 -7.42 8.44 8.05
N SER A 38 -8.10 8.44 6.92
CA SER A 38 -9.51 8.82 6.90
C SER A 38 -10.31 7.86 7.79
N ASN A 39 -9.92 6.60 7.76
CA ASN A 39 -10.59 5.59 8.55
C ASN A 39 -10.60 6.02 10.02
N SER A 40 -9.56 6.75 10.39
CA SER A 40 -9.44 7.22 11.76
C SER A 40 -10.67 8.07 12.13
N ALA A 41 -11.44 8.41 11.11
CA ALA A 41 -12.63 9.20 11.32
C ALA A 41 -13.54 8.50 12.34
N LEU A 42 -13.52 7.18 12.29
CA LEU A 42 -14.33 6.38 13.20
C LEU A 42 -14.21 6.96 14.61
N GLY A 43 -13.12 6.63 15.26
CA GLY A 43 -12.87 7.10 16.61
C GLY A 43 -11.38 7.35 16.85
N HIS A 44 -10.64 7.42 15.75
CA HIS A 44 -9.21 7.66 15.81
C HIS A 44 -8.48 6.33 15.93
N VAL A 45 -8.85 5.41 15.04
CA VAL A 45 -8.23 4.10 15.02
C VAL A 45 -6.99 4.13 14.12
N ASN A 46 -7.21 4.59 12.90
CA ASN A 46 -6.13 4.67 11.93
C ASN A 46 -4.88 5.25 12.62
N CYS A 47 -5.13 6.05 13.65
CA CYS A 47 -4.04 6.67 14.39
C CYS A 47 -3.03 5.59 14.74
N THR A 48 -3.53 4.38 14.92
CA THR A 48 -2.67 3.25 15.25
C THR A 48 -1.74 2.91 14.08
N ILE A 49 -2.35 2.75 12.92
CA ILE A 49 -1.59 2.42 11.72
C ILE A 49 -0.88 3.68 11.22
N LYS A 50 -1.46 4.83 11.55
CA LYS A 50 -0.89 6.10 11.14
C LYS A 50 0.62 6.09 11.43
N GLU A 51 0.99 5.35 12.46
CA GLU A 51 2.39 5.25 12.84
C GLU A 51 3.24 4.84 11.64
N LEU A 52 2.62 4.09 10.74
CA LEU A 52 3.31 3.64 9.55
C LEU A 52 3.82 4.84 8.76
N ARG A 53 2.92 5.80 8.54
CA ARG A 53 3.26 7.00 7.81
C ARG A 53 4.49 7.67 8.44
N ARG A 54 4.46 7.77 9.76
CA ARG A 54 5.54 8.38 10.50
C ARG A 54 6.07 9.60 9.74
N ARG A 1 17.91 -8.60 -3.68
CA ARG A 1 18.58 -7.49 -3.02
C ARG A 1 18.93 -7.87 -1.58
N ILE A 2 20.06 -7.33 -1.12
CA ILE A 2 20.51 -7.60 0.23
C ILE A 2 20.02 -6.50 1.17
N TYR A 3 20.73 -5.39 1.15
CA TYR A 3 20.38 -4.26 1.98
C TYR A 3 21.46 -3.17 1.93
N LYS A 4 22.00 -2.98 0.73
CA LYS A 4 23.04 -1.99 0.52
C LYS A 4 22.88 -1.37 -0.87
N GLY A 5 21.69 -1.54 -1.43
CA GLY A 5 21.40 -1.02 -2.75
C GLY A 5 22.51 -1.38 -3.74
N VAL A 6 22.86 -2.66 -3.74
CA VAL A 6 23.90 -3.15 -4.63
C VAL A 6 23.52 -2.82 -6.08
N ILE A 7 24.52 -2.87 -6.94
CA ILE A 7 24.31 -2.58 -8.35
C ILE A 7 23.67 -3.79 -9.03
N GLN A 8 24.27 -4.96 -8.77
CA GLN A 8 23.78 -6.20 -9.35
C GLN A 8 22.32 -6.43 -8.92
N ALA A 9 21.97 -5.85 -7.79
CA ALA A 9 20.61 -5.98 -7.27
C ALA A 9 19.61 -5.69 -8.39
N ILE A 10 20.08 -4.92 -9.37
CA ILE A 10 19.23 -4.56 -10.49
C ILE A 10 18.78 -5.83 -11.22
N GLN A 11 19.61 -6.85 -11.11
CA GLN A 11 19.31 -8.13 -11.75
C GLN A 11 17.87 -8.54 -11.46
N LYS A 12 17.35 -8.02 -10.36
CA LYS A 12 15.99 -8.33 -9.95
C LYS A 12 15.05 -8.14 -11.14
N SER A 13 15.41 -7.18 -12.00
CA SER A 13 14.62 -6.88 -13.18
C SER A 13 14.63 -8.08 -14.12
N ASP A 14 15.74 -8.80 -14.11
CA ASP A 14 15.91 -9.96 -14.96
C ASP A 14 14.92 -11.05 -14.52
N GLU A 15 14.63 -11.04 -13.23
CA GLU A 15 13.72 -12.03 -12.66
C GLU A 15 12.28 -11.70 -13.07
N GLY A 16 11.98 -10.42 -13.10
CA GLY A 16 10.64 -9.98 -13.48
C GLY A 16 10.01 -9.15 -12.36
N HIS A 17 9.65 -9.84 -11.29
CA HIS A 17 9.03 -9.20 -10.14
C HIS A 17 9.12 -10.11 -8.91
N PRO A 18 10.36 -10.19 -8.35
CA PRO A 18 10.59 -11.02 -7.18
C PRO A 18 10.01 -10.37 -5.93
N PHE A 19 10.28 -11.01 -4.79
CA PHE A 19 9.80 -10.51 -3.52
C PHE A 19 10.19 -9.04 -3.32
N ARG A 20 11.35 -8.70 -3.88
CA ARG A 20 11.84 -7.33 -3.78
C ARG A 20 11.00 -6.39 -4.64
N ALA A 21 10.73 -6.83 -5.86
CA ALA A 21 9.93 -6.05 -6.79
C ALA A 21 8.58 -5.73 -6.15
N TYR A 22 8.03 -6.73 -5.47
CA TYR A 22 6.74 -6.56 -4.81
C TYR A 22 6.89 -5.79 -3.50
N LEU A 23 8.01 -6.03 -2.83
CA LEU A 23 8.28 -5.35 -1.57
C LEU A 23 8.18 -3.84 -1.77
N GLU A 24 8.83 -3.37 -2.83
CA GLU A 24 8.81 -1.95 -3.14
C GLU A 24 7.38 -1.43 -3.19
N SER A 25 6.46 -2.33 -3.52
CA SER A 25 5.05 -1.98 -3.60
C SER A 25 4.60 -1.35 -2.28
N GLU A 26 5.38 -1.59 -1.24
CA GLU A 26 5.06 -1.06 0.07
C GLU A 26 4.93 0.46 0.01
N VAL A 27 5.64 1.05 -0.95
CA VAL A 27 5.62 2.49 -1.12
C VAL A 27 4.28 2.90 -1.74
N ALA A 28 3.76 2.03 -2.59
CA ALA A 28 2.49 2.29 -3.25
C ALA A 28 1.38 2.34 -2.20
N ILE A 29 1.49 1.44 -1.23
CA ILE A 29 0.50 1.38 -0.16
C ILE A 29 0.78 2.48 0.86
N SER A 30 2.06 2.74 1.07
CA SER A 30 2.47 3.76 2.01
C SER A 30 1.69 5.06 1.75
N GLU A 31 1.54 5.37 0.47
CA GLU A 31 0.82 6.57 0.07
C GLU A 31 -0.68 6.40 0.31
N GLU A 32 -1.14 5.17 0.09
CA GLU A 32 -2.55 4.86 0.26
C GLU A 32 -2.90 4.83 1.76
N LEU A 33 -2.10 4.07 2.50
CA LEU A 33 -2.31 3.95 3.93
C LEU A 33 -2.58 5.33 4.53
N VAL A 34 -1.96 6.33 3.93
CA VAL A 34 -2.12 7.70 4.39
C VAL A 34 -3.59 8.10 4.25
N GLN A 35 -4.17 7.75 3.11
CA GLN A 35 -5.56 8.07 2.85
C GLN A 35 -6.47 7.30 3.81
N LYS A 36 -5.97 6.17 4.27
CA LYS A 36 -6.72 5.33 5.19
C LYS A 36 -7.00 6.12 6.46
N TYR A 37 -6.10 7.02 6.78
CA TYR A 37 -6.23 7.85 7.97
C TYR A 37 -7.68 8.32 8.15
N SER A 38 -8.39 8.38 7.03
CA SER A 38 -9.77 8.81 7.05
C SER A 38 -10.57 7.96 8.04
N ASN A 39 -10.23 6.68 8.10
CA ASN A 39 -10.90 5.76 9.00
C ASN A 39 -10.66 6.21 10.44
N SER A 40 -9.51 6.84 10.66
CA SER A 40 -9.16 7.32 11.98
C SER A 40 -10.23 8.29 12.49
N ALA A 41 -11.05 8.76 11.57
CA ALA A 41 -12.12 9.68 11.90
C ALA A 41 -13.05 9.03 12.94
N LEU A 42 -13.36 7.77 12.69
CA LEU A 42 -14.22 7.02 13.58
C LEU A 42 -13.97 7.46 15.03
N GLY A 43 -12.76 7.15 15.49
CA GLY A 43 -12.37 7.51 16.84
C GLY A 43 -10.86 7.37 17.03
N HIS A 44 -10.14 7.55 15.93
CA HIS A 44 -8.68 7.45 15.96
C HIS A 44 -8.28 5.99 16.17
N VAL A 45 -8.47 5.20 15.13
CA VAL A 45 -8.12 3.79 15.18
C VAL A 45 -7.14 3.46 14.06
N ASN A 46 -7.42 4.02 12.89
CA ASN A 46 -6.57 3.80 11.73
C ASN A 46 -5.35 4.71 11.82
N CYS A 47 -5.56 5.89 12.39
CA CYS A 47 -4.49 6.85 12.54
C CYS A 47 -3.34 6.18 13.30
N THR A 48 -3.71 5.26 14.19
CA THR A 48 -2.74 4.55 14.98
C THR A 48 -1.78 3.76 14.07
N ILE A 49 -2.33 3.24 13.00
CA ILE A 49 -1.55 2.46 12.04
C ILE A 49 -0.72 3.42 11.19
N LYS A 50 -1.29 4.59 10.95
CA LYS A 50 -0.61 5.60 10.15
C LYS A 50 0.80 5.82 10.71
N GLU A 51 0.91 5.70 12.02
CA GLU A 51 2.18 5.88 12.69
C GLU A 51 3.25 4.98 12.07
N LEU A 52 2.81 3.81 11.62
CA LEU A 52 3.70 2.85 11.01
C LEU A 52 4.23 3.43 9.70
N ARG A 53 3.32 3.99 8.92
CA ARG A 53 3.68 4.57 7.63
C ARG A 53 4.38 5.91 7.85
N ARG A 54 3.91 6.65 8.86
CA ARG A 54 4.48 7.94 9.18
C ARG A 54 5.01 7.94 10.62
N ARG A 1 -14.06 2.47 -14.06
CA ARG A 1 -13.69 1.07 -14.14
C ARG A 1 -13.73 0.59 -15.59
N ILE A 2 -13.44 1.52 -16.50
CA ILE A 2 -13.44 1.20 -17.91
C ILE A 2 -12.87 -0.20 -18.12
N TYR A 3 -11.80 -0.49 -17.39
CA TYR A 3 -11.15 -1.78 -17.49
C TYR A 3 -10.42 -1.94 -18.82
N LYS A 4 -11.18 -1.76 -19.89
CA LYS A 4 -10.61 -1.88 -21.23
C LYS A 4 -9.55 -0.80 -21.43
N GLY A 5 -9.58 0.18 -20.54
CA GLY A 5 -8.63 1.28 -20.61
C GLY A 5 -7.42 1.01 -19.71
N VAL A 6 -7.66 0.22 -18.66
CA VAL A 6 -6.60 -0.11 -17.72
C VAL A 6 -6.09 -1.52 -18.03
N ILE A 7 -6.39 -1.98 -19.24
CA ILE A 7 -5.95 -3.30 -19.66
C ILE A 7 -4.53 -3.56 -19.15
N GLN A 8 -3.77 -2.49 -19.05
CA GLN A 8 -2.40 -2.59 -18.57
C GLN A 8 -2.35 -3.35 -17.24
N ALA A 9 -3.50 -3.39 -16.58
CA ALA A 9 -3.60 -4.06 -15.31
C ALA A 9 -2.90 -5.43 -15.40
N ILE A 10 -2.85 -5.94 -16.61
CA ILE A 10 -2.21 -7.23 -16.85
C ILE A 10 -0.77 -7.01 -17.29
N GLN A 11 -0.53 -5.83 -17.85
CA GLN A 11 0.80 -5.47 -18.32
C GLN A 11 1.85 -5.87 -17.28
N LYS A 12 1.38 -6.04 -16.05
CA LYS A 12 2.27 -6.43 -14.97
C LYS A 12 3.26 -7.49 -15.46
N SER A 13 2.76 -8.34 -16.36
CA SER A 13 3.58 -9.39 -16.92
C SER A 13 4.72 -8.79 -17.75
N ASP A 14 4.35 -7.87 -18.62
CA ASP A 14 5.33 -7.21 -19.47
C ASP A 14 6.45 -6.63 -18.60
N GLU A 15 6.07 -6.26 -17.38
CA GLU A 15 7.03 -5.69 -16.45
C GLU A 15 7.94 -6.77 -15.89
N GLY A 16 7.49 -8.01 -16.01
CA GLY A 16 8.25 -9.14 -15.53
C GLY A 16 8.67 -8.95 -14.07
N HIS A 17 7.70 -8.54 -13.26
CA HIS A 17 7.95 -8.30 -11.85
C HIS A 17 8.70 -9.50 -11.26
N PRO A 18 10.02 -9.28 -11.01
CA PRO A 18 10.85 -10.34 -10.45
C PRO A 18 10.56 -10.53 -8.95
N PHE A 19 11.18 -9.67 -8.16
CA PHE A 19 11.00 -9.73 -6.72
C PHE A 19 11.17 -8.34 -6.08
N ARG A 20 12.20 -7.64 -6.54
CA ARG A 20 12.47 -6.31 -6.02
C ARG A 20 11.34 -5.35 -6.40
N ALA A 21 10.73 -5.62 -7.55
CA ALA A 21 9.64 -4.79 -8.03
C ALA A 21 8.52 -4.79 -6.99
N TYR A 22 8.22 -5.98 -6.48
CA TYR A 22 7.17 -6.12 -5.48
C TYR A 22 7.51 -5.34 -4.22
N LEU A 23 8.80 -5.32 -3.90
CA LEU A 23 9.27 -4.61 -2.71
C LEU A 23 8.79 -3.16 -2.77
N GLU A 24 9.00 -2.55 -3.93
CA GLU A 24 8.60 -1.17 -4.13
C GLU A 24 7.13 -0.98 -3.75
N SER A 25 6.38 -2.06 -3.88
CA SER A 25 4.96 -2.02 -3.56
C SER A 25 4.76 -1.53 -2.12
N GLU A 26 5.83 -1.61 -1.35
CA GLU A 26 5.79 -1.17 0.03
C GLU A 26 5.38 0.30 0.11
N VAL A 27 5.89 1.07 -0.83
CA VAL A 27 5.59 2.50 -0.88
C VAL A 27 4.14 2.68 -1.37
N ALA A 28 3.72 1.79 -2.23
CA ALA A 28 2.38 1.84 -2.79
C ALA A 28 1.36 1.67 -1.66
N ILE A 29 1.72 0.81 -0.72
CA ILE A 29 0.84 0.56 0.42
C ILE A 29 0.99 1.69 1.44
N SER A 30 2.21 2.21 1.52
CA SER A 30 2.49 3.30 2.45
C SER A 30 1.52 4.46 2.20
N GLU A 31 1.33 4.78 0.94
CA GLU A 31 0.43 5.86 0.56
C GLU A 31 -1.01 5.48 0.89
N GLU A 32 -1.34 4.22 0.66
CA GLU A 32 -2.68 3.73 0.93
C GLU A 32 -2.92 3.65 2.42
N LEU A 33 -1.87 3.28 3.15
CA LEU A 33 -1.97 3.16 4.59
C LEU A 33 -2.29 4.53 5.19
N VAL A 34 -1.74 5.55 4.56
CA VAL A 34 -1.97 6.92 5.03
C VAL A 34 -3.41 7.32 4.74
N GLN A 35 -3.90 6.86 3.59
CA GLN A 35 -5.26 7.17 3.18
C GLN A 35 -6.26 6.49 4.12
N LYS A 36 -5.81 5.40 4.73
CA LYS A 36 -6.65 4.64 5.64
C LYS A 36 -7.00 5.53 6.85
N TYR A 37 -6.06 6.42 7.18
CA TYR A 37 -6.25 7.32 8.30
C TYR A 37 -7.65 7.93 8.28
N SER A 38 -8.25 7.93 7.10
CA SER A 38 -9.58 8.47 6.94
C SER A 38 -10.55 7.83 7.94
N ASN A 39 -10.35 6.54 8.16
CA ASN A 39 -11.18 5.79 9.09
C ASN A 39 -11.06 6.41 10.48
N SER A 40 -9.89 6.99 10.73
CA SER A 40 -9.63 7.61 12.02
C SER A 40 -10.66 8.71 12.29
N ALA A 41 -11.39 9.05 11.24
CA ALA A 41 -12.42 10.08 11.35
C ALA A 41 -13.41 9.69 12.45
N LEU A 42 -13.71 8.42 12.51
CA LEU A 42 -14.64 7.91 13.51
C LEU A 42 -14.28 8.50 14.87
N GLY A 43 -13.36 7.82 15.55
CA GLY A 43 -12.93 8.26 16.87
C GLY A 43 -11.40 8.37 16.93
N HIS A 44 -10.78 8.14 15.77
CA HIS A 44 -9.33 8.21 15.69
C HIS A 44 -8.73 6.86 16.05
N VAL A 45 -8.29 6.13 15.02
CA VAL A 45 -7.70 4.82 15.22
C VAL A 45 -6.70 4.55 14.10
N ASN A 46 -7.22 4.51 12.89
CA ASN A 46 -6.39 4.26 11.72
C ASN A 46 -5.24 5.28 11.70
N CYS A 47 -5.53 6.47 12.18
CA CYS A 47 -4.54 7.53 12.21
C CYS A 47 -3.32 7.02 13.00
N THR A 48 -3.59 6.16 13.96
CA THR A 48 -2.54 5.60 14.78
C THR A 48 -1.78 4.53 14.00
N ILE A 49 -2.50 3.84 13.14
CA ILE A 49 -1.91 2.79 12.33
C ILE A 49 -0.95 3.41 11.33
N LYS A 50 -1.37 4.53 10.76
CA LYS A 50 -0.55 5.23 9.78
C LYS A 50 0.85 5.45 10.35
N GLU A 51 0.89 5.59 11.67
CA GLU A 51 2.16 5.81 12.35
C GLU A 51 3.16 4.71 11.98
N LEU A 52 2.63 3.52 11.77
CA LEU A 52 3.45 2.38 11.41
C LEU A 52 4.17 2.67 10.10
N ARG A 53 3.37 3.05 9.10
CA ARG A 53 3.92 3.35 7.79
C ARG A 53 4.64 4.70 7.82
N ARG A 54 4.11 5.60 8.63
CA ARG A 54 4.69 6.93 8.76
C ARG A 54 5.03 7.22 10.22
N ARG A 1 -5.56 8.41 -13.66
CA ARG A 1 -6.57 7.66 -12.94
C ARG A 1 -7.09 6.51 -13.80
N ILE A 2 -6.17 5.65 -14.22
CA ILE A 2 -6.52 4.51 -15.04
C ILE A 2 -7.76 3.84 -14.46
N TYR A 3 -7.52 2.90 -13.56
CA TYR A 3 -8.61 2.16 -12.93
C TYR A 3 -9.47 1.46 -13.97
N LYS A 4 -8.93 1.37 -15.18
CA LYS A 4 -9.64 0.72 -16.28
C LYS A 4 -9.15 -0.73 -16.41
N GLY A 5 -8.29 -1.11 -15.48
CA GLY A 5 -7.74 -2.47 -15.48
C GLY A 5 -6.56 -2.56 -16.43
N VAL A 6 -5.57 -1.71 -16.20
CA VAL A 6 -4.38 -1.69 -17.02
C VAL A 6 -4.06 -3.12 -17.47
N ILE A 7 -3.61 -3.23 -18.72
CA ILE A 7 -3.27 -4.52 -19.28
C ILE A 7 -1.82 -4.85 -18.95
N GLN A 8 -0.97 -3.85 -19.12
CA GLN A 8 0.45 -4.02 -18.85
C GLN A 8 0.65 -4.62 -17.46
N ALA A 9 -0.36 -4.45 -16.62
CA ALA A 9 -0.30 -4.97 -15.27
C ALA A 9 0.05 -6.47 -15.31
N ILE A 10 -0.24 -7.08 -16.45
CA ILE A 10 0.04 -8.49 -16.63
C ILE A 10 1.54 -8.67 -16.91
N GLN A 11 2.14 -7.61 -17.40
CA GLN A 11 3.57 -7.64 -17.71
C GLN A 11 4.35 -8.25 -16.54
N LYS A 12 3.76 -8.18 -15.36
CA LYS A 12 4.39 -8.71 -14.17
C LYS A 12 4.92 -10.11 -14.47
N SER A 13 4.23 -10.81 -15.36
CA SER A 13 4.62 -12.15 -15.75
C SER A 13 6.03 -12.14 -16.33
N ASP A 14 6.33 -11.05 -17.03
CA ASP A 14 7.64 -10.89 -17.64
C ASP A 14 8.69 -10.67 -16.56
N GLU A 15 8.25 -10.06 -15.46
CA GLU A 15 9.14 -9.77 -14.35
C GLU A 15 9.44 -11.07 -13.58
N GLY A 16 8.53 -12.02 -13.72
CA GLY A 16 8.69 -13.31 -13.04
C GLY A 16 8.72 -13.12 -11.53
N HIS A 17 7.90 -12.19 -11.06
CA HIS A 17 7.82 -11.91 -9.64
C HIS A 17 9.23 -11.81 -9.06
N PRO A 18 9.87 -10.64 -9.29
CA PRO A 18 11.22 -10.42 -8.79
C PRO A 18 11.21 -10.15 -7.28
N PHE A 19 12.30 -9.57 -6.82
CA PHE A 19 12.43 -9.25 -5.40
C PHE A 19 12.22 -7.76 -5.15
N ARG A 20 12.67 -6.95 -6.11
CA ARG A 20 12.54 -5.51 -6.01
C ARG A 20 11.10 -5.09 -6.28
N ALA A 21 10.44 -5.88 -7.12
CA ALA A 21 9.06 -5.59 -7.47
C ALA A 21 8.23 -5.48 -6.20
N TYR A 22 8.60 -6.26 -5.20
CA TYR A 22 7.91 -6.24 -3.93
C TYR A 22 8.26 -4.99 -3.12
N LEU A 23 9.50 -4.57 -3.27
CA LEU A 23 9.98 -3.38 -2.56
C LEU A 23 9.11 -2.19 -2.93
N GLU A 24 8.89 -2.03 -4.22
CA GLU A 24 8.08 -0.94 -4.73
C GLU A 24 6.72 -0.91 -4.01
N SER A 25 6.30 -2.08 -3.56
CA SER A 25 5.04 -2.21 -2.86
C SER A 25 4.99 -1.24 -1.67
N GLU A 26 6.18 -0.81 -1.27
CA GLU A 26 6.29 0.12 -0.14
C GLU A 26 5.50 1.39 -0.43
N VAL A 27 5.66 1.88 -1.65
CA VAL A 27 4.96 3.10 -2.06
C VAL A 27 3.49 2.78 -2.29
N ALA A 28 3.24 1.61 -2.85
CA ALA A 28 1.88 1.19 -3.13
C ALA A 28 1.08 1.16 -1.82
N ILE A 29 1.76 0.72 -0.77
CA ILE A 29 1.13 0.64 0.55
C ILE A 29 1.08 2.04 1.16
N SER A 30 2.11 2.83 0.87
CA SER A 30 2.20 4.17 1.40
C SER A 30 0.94 4.97 1.02
N GLU A 31 0.54 4.82 -0.23
CA GLU A 31 -0.64 5.50 -0.73
C GLU A 31 -1.90 4.96 -0.04
N GLU A 32 -1.91 3.64 0.15
CA GLU A 32 -3.03 2.99 0.79
C GLU A 32 -3.08 3.34 2.28
N LEU A 33 -1.89 3.44 2.87
CA LEU A 33 -1.79 3.77 4.28
C LEU A 33 -2.34 5.18 4.52
N VAL A 34 -1.79 6.13 3.77
CA VAL A 34 -2.22 7.51 3.90
C VAL A 34 -3.72 7.60 3.63
N GLN A 35 -4.18 6.78 2.70
CA GLN A 35 -5.59 6.76 2.34
C GLN A 35 -6.40 6.12 3.47
N LYS A 36 -5.74 5.27 4.22
CA LYS A 36 -6.39 4.59 5.33
C LYS A 36 -6.63 5.58 6.46
N TYR A 37 -5.77 6.58 6.53
CA TYR A 37 -5.89 7.60 7.55
C TYR A 37 -7.35 8.00 7.78
N SER A 38 -8.14 7.79 6.73
CA SER A 38 -9.56 8.12 6.81
C SER A 38 -10.20 7.45 8.02
N ASN A 39 -9.70 6.25 8.31
CA ASN A 39 -10.22 5.49 9.44
C ASN A 39 -10.28 6.39 10.67
N SER A 40 -9.38 7.35 10.71
CA SER A 40 -9.32 8.29 11.82
C SER A 40 -10.65 9.00 11.97
N ALA A 41 -11.44 8.96 10.91
CA ALA A 41 -12.74 9.60 10.91
C ALA A 41 -13.62 8.97 12.00
N LEU A 42 -13.55 7.64 12.06
CA LEU A 42 -14.32 6.92 13.05
C LEU A 42 -14.35 7.70 14.37
N GLY A 43 -13.26 8.42 14.61
CA GLY A 43 -13.13 9.21 15.82
C GLY A 43 -11.73 9.08 16.43
N HIS A 44 -10.97 8.14 15.88
CA HIS A 44 -9.63 7.90 16.36
C HIS A 44 -9.10 6.58 15.78
N VAL A 45 -8.20 6.70 14.82
CA VAL A 45 -7.62 5.53 14.19
C VAL A 45 -6.22 5.88 13.68
N ASN A 46 -6.14 6.99 12.97
CA ASN A 46 -4.87 7.45 12.42
C ASN A 46 -3.78 7.25 13.47
N CYS A 47 -4.18 7.40 14.72
CA CYS A 47 -3.23 7.25 15.82
C CYS A 47 -2.58 5.88 15.71
N THR A 48 -3.41 4.87 15.48
CA THR A 48 -2.93 3.50 15.34
C THR A 48 -2.24 3.31 13.99
N ILE A 49 -2.75 4.03 13.00
CA ILE A 49 -2.20 3.95 11.66
C ILE A 49 -0.71 4.28 11.69
N LYS A 50 -0.35 5.15 12.63
CA LYS A 50 1.03 5.56 12.79
C LYS A 50 1.92 4.32 12.82
N GLU A 51 1.38 3.25 13.38
CA GLU A 51 2.10 1.99 13.48
C GLU A 51 2.28 1.37 12.09
N LEU A 52 1.24 1.50 11.28
CA LEU A 52 1.26 0.96 9.94
C LEU A 52 2.28 1.73 9.09
N ARG A 53 2.07 3.04 9.00
CA ARG A 53 2.95 3.88 8.23
C ARG A 53 4.33 3.96 8.91
N ARG A 54 4.30 3.96 10.23
CA ARG A 54 5.52 4.04 11.02
C ARG A 54 6.52 5.00 10.35
N ARG A 1 -13.73 7.07 -1.86
CA ARG A 1 -14.09 5.69 -1.56
C ARG A 1 -12.99 4.75 -2.05
N ILE A 2 -12.70 3.75 -1.23
CA ILE A 2 -11.68 2.77 -1.57
C ILE A 2 -12.34 1.41 -1.78
N TYR A 3 -11.89 0.73 -2.84
CA TYR A 3 -12.43 -0.58 -3.16
C TYR A 3 -11.57 -1.69 -2.55
N LYS A 4 -10.99 -1.38 -1.40
CA LYS A 4 -10.15 -2.33 -0.70
C LYS A 4 -9.27 -3.06 -1.71
N GLY A 5 -8.89 -2.33 -2.75
CA GLY A 5 -8.05 -2.88 -3.79
C GLY A 5 -8.85 -3.76 -4.75
N VAL A 6 -10.03 -3.26 -5.11
CA VAL A 6 -10.90 -3.99 -6.02
C VAL A 6 -10.78 -5.49 -5.74
N ILE A 7 -10.98 -6.27 -6.78
CA ILE A 7 -10.90 -7.72 -6.67
C ILE A 7 -9.93 -8.26 -7.72
N GLN A 8 -10.11 -7.78 -8.95
CA GLN A 8 -9.26 -8.21 -10.04
C GLN A 8 -7.79 -7.95 -9.71
N ALA A 9 -7.59 -6.99 -8.81
CA ALA A 9 -6.23 -6.64 -8.39
C ALA A 9 -5.41 -7.91 -8.21
N ILE A 10 -6.11 -9.01 -7.94
CA ILE A 10 -5.46 -10.29 -7.74
C ILE A 10 -4.44 -10.52 -8.86
N GLN A 11 -4.67 -9.82 -9.97
CA GLN A 11 -3.78 -9.94 -11.12
C GLN A 11 -2.32 -9.93 -10.68
N LYS A 12 -2.09 -9.26 -9.56
CA LYS A 12 -0.74 -9.16 -9.01
C LYS A 12 -0.10 -10.54 -9.03
N SER A 13 -0.93 -11.56 -8.88
CA SER A 13 -0.45 -12.93 -8.87
C SER A 13 0.23 -13.25 -10.21
N ASP A 14 -0.32 -12.69 -11.28
CA ASP A 14 0.21 -12.91 -12.60
C ASP A 14 1.62 -12.33 -12.68
N GLU A 15 1.84 -11.28 -11.90
CA GLU A 15 3.14 -10.62 -11.86
C GLU A 15 4.19 -11.56 -11.27
N GLY A 16 3.85 -12.14 -10.13
CA GLY A 16 4.75 -13.05 -9.45
C GLY A 16 5.81 -12.29 -8.67
N HIS A 17 6.47 -11.36 -9.35
CA HIS A 17 7.52 -10.56 -8.73
C HIS A 17 8.62 -11.47 -8.20
N PRO A 18 9.83 -10.89 -8.05
CA PRO A 18 10.97 -11.63 -7.56
C PRO A 18 10.87 -11.85 -6.05
N PHE A 19 10.95 -10.75 -5.32
CA PHE A 19 10.87 -10.80 -3.87
C PHE A 19 11.01 -9.40 -3.26
N ARG A 20 12.10 -8.74 -3.62
CA ARG A 20 12.36 -7.40 -3.12
C ARG A 20 11.44 -6.39 -3.80
N ALA A 21 11.05 -6.72 -5.02
CA ALA A 21 10.17 -5.86 -5.79
C ALA A 21 8.86 -5.64 -5.00
N TYR A 22 8.48 -6.66 -4.26
CA TYR A 22 7.27 -6.59 -3.47
C TYR A 22 7.43 -5.62 -2.30
N LEU A 23 8.63 -5.62 -1.74
CA LEU A 23 8.94 -4.74 -0.62
C LEU A 23 8.63 -3.29 -1.00
N GLU A 24 9.10 -2.92 -2.18
CA GLU A 24 8.90 -1.57 -2.68
C GLU A 24 7.40 -1.22 -2.65
N SER A 25 6.58 -2.25 -2.73
CA SER A 25 5.14 -2.08 -2.71
C SER A 25 4.73 -1.30 -1.46
N GLU A 26 5.62 -1.30 -0.48
CA GLU A 26 5.37 -0.61 0.77
C GLU A 26 5.10 0.87 0.50
N VAL A 27 5.87 1.43 -0.41
CA VAL A 27 5.72 2.83 -0.77
C VAL A 27 4.45 3.02 -1.60
N ALA A 28 4.23 2.07 -2.51
CA ALA A 28 3.07 2.12 -3.36
C ALA A 28 1.80 2.12 -2.50
N ILE A 29 1.84 1.32 -1.45
CA ILE A 29 0.71 1.24 -0.54
C ILE A 29 0.71 2.45 0.40
N SER A 30 1.91 2.90 0.73
CA SER A 30 2.06 4.05 1.61
C SER A 30 1.27 5.24 1.06
N GLU A 31 1.22 5.31 -0.27
CA GLU A 31 0.50 6.38 -0.93
C GLU A 31 -1.01 6.22 -0.72
N GLU A 32 -1.48 5.02 -0.99
CA GLU A 32 -2.90 4.72 -0.84
C GLU A 32 -3.28 4.68 0.64
N LEU A 33 -2.37 4.16 1.44
CA LEU A 33 -2.58 4.06 2.87
C LEU A 33 -3.04 5.42 3.41
N VAL A 34 -2.69 6.46 2.66
CA VAL A 34 -3.05 7.81 3.06
C VAL A 34 -4.57 7.89 3.24
N GLN A 35 -5.28 7.20 2.36
CA GLN A 35 -6.73 7.19 2.42
C GLN A 35 -7.20 6.66 3.78
N LYS A 36 -6.35 5.86 4.39
CA LYS A 36 -6.68 5.29 5.69
C LYS A 36 -6.90 6.42 6.70
N TYR A 37 -6.21 7.52 6.46
CA TYR A 37 -6.32 8.68 7.34
C TYR A 37 -7.77 8.91 7.75
N SER A 38 -8.68 8.46 6.89
CA SER A 38 -10.10 8.62 7.15
C SER A 38 -10.46 8.02 8.52
N ASN A 39 -9.80 6.92 8.84
CA ASN A 39 -10.03 6.25 10.10
C ASN A 39 -9.98 7.28 11.23
N SER A 40 -9.17 8.30 11.03
CA SER A 40 -9.02 9.35 12.01
C SER A 40 -10.38 10.00 12.30
N ALA A 41 -11.33 9.71 11.43
CA ALA A 41 -12.67 10.25 11.57
C ALA A 41 -13.25 9.82 12.92
N LEU A 42 -12.92 8.59 13.30
CA LEU A 42 -13.40 8.05 14.55
C LEU A 42 -12.31 8.19 15.62
N GLY A 43 -11.09 8.40 15.14
CA GLY A 43 -9.96 8.56 16.04
C GLY A 43 -9.67 7.25 16.80
N HIS A 44 -9.48 6.20 16.03
CA HIS A 44 -9.21 4.89 16.60
C HIS A 44 -8.14 4.18 15.77
N VAL A 45 -8.60 3.24 14.95
CA VAL A 45 -7.69 2.49 14.11
C VAL A 45 -6.65 3.43 13.52
N ASN A 46 -7.07 4.65 13.25
CA ASN A 46 -6.19 5.66 12.69
C ASN A 46 -4.86 5.63 13.43
N CYS A 47 -4.96 5.33 14.73
CA CYS A 47 -3.77 5.27 15.57
C CYS A 47 -2.79 4.27 14.96
N THR A 48 -3.35 3.14 14.54
CA THR A 48 -2.54 2.08 13.93
C THR A 48 -2.06 2.51 12.54
N ILE A 49 -2.93 3.25 11.86
CA ILE A 49 -2.62 3.72 10.52
C ILE A 49 -1.35 4.58 10.57
N LYS A 50 -1.22 5.31 11.67
CA LYS A 50 -0.06 6.17 11.85
C LYS A 50 1.22 5.34 11.72
N GLU A 51 1.14 4.11 12.20
CA GLU A 51 2.28 3.21 12.14
C GLU A 51 2.52 2.75 10.71
N LEU A 52 1.43 2.60 9.97
CA LEU A 52 1.50 2.18 8.58
C LEU A 52 2.29 3.21 7.78
N ARG A 53 1.81 4.45 7.83
CA ARG A 53 2.46 5.52 7.12
C ARG A 53 3.72 5.99 7.87
N ARG A 54 3.64 5.91 9.18
CA ARG A 54 4.75 6.31 10.04
C ARG A 54 5.37 7.61 9.51
N ARG A 1 -8.09 0.57 -9.90
CA ARG A 1 -8.92 0.36 -11.07
C ARG A 1 -8.61 1.41 -12.13
N ILE A 2 -8.54 0.96 -13.37
CA ILE A 2 -8.25 1.85 -14.48
C ILE A 2 -9.33 1.68 -15.55
N TYR A 3 -9.51 0.44 -15.97
CA TYR A 3 -10.49 0.13 -16.99
C TYR A 3 -10.06 0.66 -18.36
N LYS A 4 -8.85 1.19 -18.39
CA LYS A 4 -8.30 1.74 -19.63
C LYS A 4 -6.94 1.10 -19.91
N GLY A 5 -6.59 0.14 -19.05
CA GLY A 5 -5.32 -0.56 -19.20
C GLY A 5 -4.78 -0.99 -17.84
N VAL A 6 -5.43 -2.00 -17.28
CA VAL A 6 -5.03 -2.53 -15.98
C VAL A 6 -4.41 -3.91 -16.17
N ILE A 7 -4.49 -4.40 -17.40
CA ILE A 7 -3.95 -5.71 -17.72
C ILE A 7 -2.62 -5.90 -17.00
N GLN A 8 -1.93 -4.78 -16.78
CA GLN A 8 -0.65 -4.81 -16.10
C GLN A 8 -0.77 -5.59 -14.79
N ALA A 9 -1.99 -5.66 -14.29
CA ALA A 9 -2.26 -6.36 -13.04
C ALA A 9 -1.63 -7.76 -13.11
N ILE A 10 -1.42 -8.22 -14.33
CA ILE A 10 -0.84 -9.53 -14.55
C ILE A 10 0.64 -9.49 -14.15
N GLN A 11 1.21 -8.30 -14.20
CA GLN A 11 2.61 -8.11 -13.86
C GLN A 11 2.94 -8.88 -12.59
N LYS A 12 1.92 -9.10 -11.77
CA LYS A 12 2.09 -9.81 -10.51
C LYS A 12 2.92 -11.08 -10.77
N SER A 13 2.75 -11.63 -11.97
CA SER A 13 3.47 -12.82 -12.34
C SER A 13 4.98 -12.58 -12.27
N ASP A 14 5.37 -11.37 -12.64
CA ASP A 14 6.78 -10.99 -12.61
C ASP A 14 7.24 -10.90 -11.16
N GLU A 15 6.31 -10.55 -10.29
CA GLU A 15 6.61 -10.41 -8.88
C GLU A 15 6.79 -11.79 -8.24
N GLY A 16 6.57 -12.82 -9.05
CA GLY A 16 6.71 -14.19 -8.58
C GLY A 16 8.10 -14.72 -8.85
N HIS A 17 9.09 -14.03 -8.28
CA HIS A 17 10.48 -14.42 -8.44
C HIS A 17 11.38 -13.41 -7.75
N PRO A 18 11.26 -12.14 -8.18
CA PRO A 18 12.06 -11.06 -7.61
C PRO A 18 11.54 -10.67 -6.22
N PHE A 19 12.37 -9.92 -5.50
CA PHE A 19 12.00 -9.48 -4.17
C PHE A 19 11.90 -7.95 -4.11
N ARG A 20 12.80 -7.30 -4.83
CA ARG A 20 12.82 -5.85 -4.87
C ARG A 20 11.53 -5.32 -5.50
N ALA A 21 10.99 -6.10 -6.43
CA ALA A 21 9.78 -5.72 -7.12
C ALA A 21 8.66 -5.52 -6.09
N TYR A 22 8.71 -6.33 -5.04
CA TYR A 22 7.71 -6.24 -3.99
C TYR A 22 7.95 -5.03 -3.10
N LEU A 23 9.23 -4.72 -2.89
CA LEU A 23 9.60 -3.59 -2.06
C LEU A 23 8.93 -2.32 -2.60
N GLU A 24 9.04 -2.16 -3.92
CA GLU A 24 8.45 -1.00 -4.57
C GLU A 24 6.98 -0.87 -4.19
N SER A 25 6.38 -2.00 -3.89
CA SER A 25 4.98 -2.03 -3.51
C SER A 25 4.73 -1.08 -2.34
N GLU A 26 5.81 -0.75 -1.66
CA GLU A 26 5.73 0.15 -0.51
C GLU A 26 5.10 1.48 -0.92
N VAL A 27 5.33 1.84 -2.18
CA VAL A 27 4.80 3.09 -2.71
C VAL A 27 3.30 2.91 -2.96
N ALA A 28 2.92 1.70 -3.34
CA ALA A 28 1.52 1.41 -3.62
C ALA A 28 0.73 1.42 -2.30
N ILE A 29 1.36 0.89 -1.27
CA ILE A 29 0.73 0.83 0.04
C ILE A 29 0.86 2.20 0.73
N SER A 30 1.94 2.89 0.39
CA SER A 30 2.20 4.19 0.96
C SER A 30 0.94 5.06 0.85
N GLU A 31 0.32 5.02 -0.32
CA GLU A 31 -0.88 5.79 -0.56
C GLU A 31 -2.06 5.19 0.21
N GLU A 32 -2.01 3.88 0.36
CA GLU A 32 -3.07 3.18 1.07
C GLU A 32 -3.00 3.49 2.57
N LEU A 33 -1.82 3.25 3.14
CA LEU A 33 -1.62 3.51 4.56
C LEU A 33 -2.04 4.93 4.88
N VAL A 34 -1.42 5.88 4.17
CA VAL A 34 -1.72 7.29 4.38
C VAL A 34 -3.22 7.51 4.21
N GLN A 35 -3.79 6.80 3.25
CA GLN A 35 -5.21 6.92 2.98
C GLN A 35 -6.03 6.27 4.10
N LYS A 36 -5.42 5.25 4.71
CA LYS A 36 -6.08 4.54 5.81
C LYS A 36 -6.35 5.52 6.95
N TYR A 37 -5.50 6.52 7.05
CA TYR A 37 -5.63 7.53 8.09
C TYR A 37 -7.03 8.15 8.07
N SER A 38 -7.71 7.98 6.94
CA SER A 38 -9.05 8.51 6.79
C SER A 38 -9.97 7.94 7.87
N ASN A 39 -9.76 6.67 8.17
CA ASN A 39 -10.56 6.00 9.19
C ASN A 39 -10.49 6.78 10.49
N SER A 40 -9.35 7.45 10.68
CA SER A 40 -9.14 8.24 11.89
C SER A 40 -10.24 9.30 12.00
N ALA A 41 -10.97 9.49 10.92
CA ALA A 41 -12.04 10.46 10.89
C ALA A 41 -13.05 10.12 11.98
N LEU A 42 -13.25 8.83 12.18
CA LEU A 42 -14.19 8.37 13.19
C LEU A 42 -13.81 8.94 14.55
N GLY A 43 -12.55 9.35 14.65
CA GLY A 43 -12.05 9.93 15.89
C GLY A 43 -10.71 9.32 16.28
N HIS A 44 -10.54 8.06 15.93
CA HIS A 44 -9.31 7.36 16.22
C HIS A 44 -9.57 5.84 16.19
N VAL A 45 -8.81 5.17 15.34
CA VAL A 45 -8.93 3.72 15.21
C VAL A 45 -7.90 3.21 14.21
N ASN A 46 -7.69 4.00 13.17
CA ASN A 46 -6.73 3.64 12.14
C ASN A 46 -5.44 4.44 12.35
N CYS A 47 -5.61 5.63 12.89
CA CYS A 47 -4.46 6.51 13.15
C CYS A 47 -3.43 5.72 13.95
N THR A 48 -3.94 4.80 14.76
CA THR A 48 -3.08 3.97 15.59
C THR A 48 -2.11 3.17 14.72
N ILE A 49 -2.63 2.67 13.62
CA ILE A 49 -1.83 1.88 12.70
C ILE A 49 -0.95 2.82 11.87
N LYS A 50 -1.48 4.00 11.61
CA LYS A 50 -0.76 5.00 10.83
C LYS A 50 0.63 5.20 11.44
N GLU A 51 0.70 5.02 12.75
CA GLU A 51 1.96 5.18 13.47
C GLU A 51 3.04 4.31 12.82
N LEU A 52 2.60 3.16 12.31
CA LEU A 52 3.53 2.23 11.67
C LEU A 52 4.22 2.94 10.50
N ARG A 53 3.42 3.65 9.73
CA ARG A 53 3.94 4.36 8.57
C ARG A 53 5.07 5.30 9.00
N ARG A 54 4.89 5.91 10.17
CA ARG A 54 5.88 6.83 10.70
C ARG A 54 5.82 6.85 12.23
N ARG A 1 10.34 13.98 -11.09
CA ARG A 1 10.58 12.66 -10.52
C ARG A 1 10.03 12.59 -9.10
N ILE A 2 10.45 13.53 -8.28
CA ILE A 2 10.02 13.59 -6.90
C ILE A 2 10.50 12.33 -6.17
N TYR A 3 9.72 11.27 -6.31
CA TYR A 3 10.05 10.01 -5.67
C TYR A 3 8.99 8.95 -5.97
N LYS A 4 8.44 9.03 -7.17
CA LYS A 4 7.41 8.08 -7.59
C LYS A 4 6.79 8.56 -8.90
N GLY A 5 6.72 9.87 -9.05
CA GLY A 5 6.16 10.47 -10.24
C GLY A 5 7.07 10.24 -11.46
N VAL A 6 7.37 8.97 -11.70
CA VAL A 6 8.23 8.61 -12.81
C VAL A 6 7.42 7.85 -13.85
N ILE A 7 6.61 6.91 -13.36
CA ILE A 7 5.78 6.11 -14.23
C ILE A 7 6.63 5.03 -14.90
N GLN A 8 7.79 5.45 -15.39
CA GLN A 8 8.70 4.54 -16.05
C GLN A 8 8.98 3.33 -15.15
N ALA A 9 8.73 3.51 -13.88
CA ALA A 9 8.96 2.46 -12.90
C ALA A 9 8.49 1.12 -13.50
N ILE A 10 7.54 1.21 -14.41
CA ILE A 10 7.00 0.04 -15.05
C ILE A 10 8.16 -0.88 -15.48
N GLN A 11 9.33 -0.27 -15.63
CA GLN A 11 10.51 -1.01 -16.03
C GLN A 11 10.60 -2.32 -15.24
N LYS A 12 10.02 -2.30 -14.05
CA LYS A 12 10.03 -3.47 -13.20
C LYS A 12 9.66 -4.71 -14.02
N SER A 13 8.83 -4.47 -15.03
CA SER A 13 8.38 -5.55 -15.89
C SER A 13 9.59 -6.22 -16.56
N ASP A 14 10.58 -5.40 -16.87
CA ASP A 14 11.79 -5.90 -17.51
C ASP A 14 12.59 -6.71 -16.50
N GLU A 15 12.46 -6.32 -15.24
CA GLU A 15 13.17 -7.00 -14.17
C GLU A 15 12.52 -8.35 -13.88
N GLY A 16 11.30 -8.50 -14.36
CA GLY A 16 10.57 -9.74 -14.15
C GLY A 16 10.35 -10.02 -12.66
N HIS A 17 10.15 -8.94 -11.92
CA HIS A 17 9.94 -9.05 -10.48
C HIS A 17 10.97 -10.00 -9.88
N PRO A 18 12.19 -9.44 -9.65
CA PRO A 18 13.26 -10.24 -9.07
C PRO A 18 13.04 -10.46 -7.58
N PHE A 19 12.99 -9.35 -6.85
CA PHE A 19 12.79 -9.42 -5.42
C PHE A 19 12.58 -8.01 -4.83
N ARG A 20 13.55 -7.14 -5.10
CA ARG A 20 13.49 -5.79 -4.61
C ARG A 20 12.30 -5.05 -5.23
N ALA A 21 11.93 -5.49 -6.43
CA ALA A 21 10.82 -4.88 -7.14
C ALA A 21 9.56 -4.97 -6.27
N TYR A 22 9.48 -6.06 -5.50
CA TYR A 22 8.34 -6.27 -4.63
C TYR A 22 8.41 -5.36 -3.39
N LEU A 23 9.64 -5.15 -2.93
CA LEU A 23 9.84 -4.31 -1.76
C LEU A 23 9.28 -2.91 -2.04
N GLU A 24 9.62 -2.39 -3.20
CA GLU A 24 9.15 -1.07 -3.60
C GLU A 24 7.63 -0.99 -3.48
N SER A 25 7.00 -2.15 -3.63
CA SER A 25 5.55 -2.23 -3.54
C SER A 25 5.07 -1.62 -2.23
N GLU A 26 6.00 -1.52 -1.29
CA GLU A 26 5.68 -0.97 0.02
C GLU A 26 5.13 0.46 -0.13
N VAL A 27 5.56 1.11 -1.20
CA VAL A 27 5.12 2.48 -1.46
C VAL A 27 3.66 2.45 -1.94
N ALA A 28 3.33 1.38 -2.65
CA ALA A 28 1.98 1.22 -3.18
C ALA A 28 1.00 1.10 -2.00
N ILE A 29 1.46 0.44 -0.95
CA ILE A 29 0.64 0.25 0.22
C ILE A 29 0.72 1.48 1.12
N SER A 30 1.90 2.08 1.13
CA SER A 30 2.12 3.28 1.94
C SER A 30 1.33 4.44 1.36
N GLU A 31 1.42 4.58 0.05
CA GLU A 31 0.71 5.66 -0.63
C GLU A 31 -0.79 5.56 -0.37
N GLU A 32 -1.31 4.34 -0.52
CA GLU A 32 -2.71 4.10 -0.31
C GLU A 32 -3.06 4.21 1.18
N LEU A 33 -2.12 3.77 2.01
CA LEU A 33 -2.30 3.81 3.45
C LEU A 33 -2.84 5.18 3.85
N VAL A 34 -2.54 6.16 3.01
CA VAL A 34 -2.98 7.53 3.26
C VAL A 34 -4.51 7.55 3.37
N GLN A 35 -5.14 6.73 2.54
CA GLN A 35 -6.59 6.64 2.53
C GLN A 35 -7.11 6.24 3.92
N LYS A 36 -6.24 5.55 4.65
CA LYS A 36 -6.60 5.09 5.99
C LYS A 36 -6.94 6.30 6.86
N TYR A 37 -6.31 7.42 6.55
CA TYR A 37 -6.53 8.65 7.29
C TYR A 37 -8.02 8.83 7.60
N SER A 38 -8.85 8.23 6.77
CA SER A 38 -10.28 8.31 6.95
C SER A 38 -10.67 7.84 8.35
N ASN A 39 -9.94 6.84 8.82
CA ASN A 39 -10.20 6.30 10.15
C ASN A 39 -10.29 7.45 11.16
N SER A 40 -9.56 8.51 10.86
CA SER A 40 -9.55 9.67 11.73
C SER A 40 -10.97 10.23 11.89
N ALA A 41 -11.85 9.77 11.01
CA ALA A 41 -13.23 10.20 11.03
C ALA A 41 -13.85 9.87 12.39
N LEU A 42 -13.45 8.72 12.92
CA LEU A 42 -13.95 8.27 14.21
C LEU A 42 -13.06 8.83 15.31
N GLY A 43 -11.76 8.82 15.04
CA GLY A 43 -10.80 9.33 16.01
C GLY A 43 -10.38 8.23 16.99
N HIS A 44 -10.36 7.01 16.49
CA HIS A 44 -9.98 5.86 17.30
C HIS A 44 -9.48 4.73 16.41
N VAL A 45 -8.36 4.99 15.76
CA VAL A 45 -7.76 4.01 14.87
C VAL A 45 -6.58 4.64 14.13
N ASN A 46 -6.80 5.86 13.64
CA ASN A 46 -5.76 6.58 12.94
C ASN A 46 -4.44 6.46 13.70
N CYS A 47 -4.56 6.42 15.01
CA CYS A 47 -3.40 6.30 15.87
C CYS A 47 -2.60 5.07 15.43
N THR A 48 -3.32 4.01 15.14
CA THR A 48 -2.70 2.77 14.72
C THR A 48 -2.17 2.89 13.30
N ILE A 49 -2.90 3.67 12.49
CA ILE A 49 -2.52 3.88 11.11
C ILE A 49 -1.10 4.48 11.07
N LYS A 50 -0.81 5.29 12.07
CA LYS A 50 0.50 5.93 12.16
C LYS A 50 1.60 4.86 12.05
N GLU A 51 1.30 3.70 12.62
CA GLU A 51 2.24 2.59 12.60
C GLU A 51 2.35 2.02 11.18
N LEU A 52 1.23 2.05 10.47
CA LEU A 52 1.20 1.54 9.12
C LEU A 52 2.08 2.41 8.23
N ARG A 53 1.77 3.69 8.21
CA ARG A 53 2.52 4.65 7.41
C ARG A 53 3.90 4.88 8.04
N ARG A 54 3.94 4.84 9.36
CA ARG A 54 5.18 5.05 10.08
C ARG A 54 5.87 6.32 9.58
N ARG A 1 2.60 4.73 -11.02
CA ARG A 1 1.85 5.54 -10.08
C ARG A 1 0.44 5.80 -10.60
N ILE A 2 -0.54 5.52 -9.74
CA ILE A 2 -1.93 5.71 -10.10
C ILE A 2 -2.45 6.99 -9.43
N TYR A 3 -3.71 7.28 -9.70
CA TYR A 3 -4.35 8.47 -9.14
C TYR A 3 -5.56 8.09 -8.28
N LYS A 4 -5.91 6.81 -8.35
CA LYS A 4 -7.04 6.31 -7.59
C LYS A 4 -7.16 4.79 -7.80
N GLY A 5 -6.00 4.16 -7.90
CA GLY A 5 -5.96 2.72 -8.10
C GLY A 5 -6.72 2.31 -9.36
N VAL A 6 -6.16 2.72 -10.50
CA VAL A 6 -6.76 2.41 -11.78
C VAL A 6 -6.89 0.89 -11.94
N ILE A 7 -6.97 0.46 -13.18
CA ILE A 7 -7.10 -0.96 -13.48
C ILE A 7 -5.74 -1.50 -13.93
N GLN A 8 -5.13 -0.77 -14.86
CA GLN A 8 -3.83 -1.17 -15.38
C GLN A 8 -2.83 -1.31 -14.24
N ALA A 9 -3.07 -0.55 -13.18
CA ALA A 9 -2.19 -0.58 -12.02
C ALA A 9 -1.79 -2.03 -11.72
N ILE A 10 -2.68 -2.94 -12.08
CA ILE A 10 -2.44 -4.35 -11.86
C ILE A 10 -1.04 -4.71 -12.36
N GLN A 11 -0.54 -3.88 -13.26
CA GLN A 11 0.79 -4.09 -13.82
C GLN A 11 1.79 -4.42 -12.71
N LYS A 12 1.50 -3.91 -11.53
CA LYS A 12 2.35 -4.13 -10.38
C LYS A 12 2.71 -5.63 -10.30
N SER A 13 1.76 -6.45 -10.75
CA SER A 13 1.96 -7.89 -10.73
C SER A 13 3.17 -8.26 -11.60
N ASP A 14 3.34 -7.51 -12.67
CA ASP A 14 4.44 -7.74 -13.59
C ASP A 14 5.76 -7.35 -12.91
N GLU A 15 5.65 -6.37 -12.02
CA GLU A 15 6.82 -5.89 -11.30
C GLU A 15 7.31 -6.97 -10.31
N GLY A 16 6.36 -7.65 -9.70
CA GLY A 16 6.69 -8.70 -8.75
C GLY A 16 6.98 -10.01 -9.47
N HIS A 17 7.84 -9.93 -10.47
CA HIS A 17 8.22 -11.10 -11.24
C HIS A 17 9.14 -11.98 -10.40
N PRO A 18 10.21 -11.34 -9.86
CA PRO A 18 11.18 -12.06 -9.04
C PRO A 18 10.61 -12.37 -7.65
N PHE A 19 10.82 -11.42 -6.74
CA PHE A 19 10.34 -11.59 -5.38
C PHE A 19 10.55 -10.31 -4.56
N ARG A 20 11.74 -9.74 -4.73
CA ARG A 20 12.09 -8.53 -4.01
C ARG A 20 11.41 -7.31 -4.67
N ALA A 21 11.24 -7.42 -5.98
CA ALA A 21 10.62 -6.34 -6.73
C ALA A 21 9.26 -6.01 -6.11
N TYR A 22 8.65 -7.03 -5.54
CA TYR A 22 7.35 -6.87 -4.92
C TYR A 22 7.45 -5.98 -3.68
N LEU A 23 8.59 -6.03 -3.04
CA LEU A 23 8.83 -5.24 -1.84
C LEU A 23 8.52 -3.77 -2.14
N GLU A 24 8.91 -3.34 -3.33
CA GLU A 24 8.68 -1.97 -3.75
C GLU A 24 7.19 -1.62 -3.62
N SER A 25 6.37 -2.65 -3.72
CA SER A 25 4.94 -2.47 -3.62
C SER A 25 4.58 -1.74 -2.32
N GLU A 26 5.54 -1.78 -1.39
CA GLU A 26 5.35 -1.12 -0.10
C GLU A 26 5.09 0.37 -0.30
N VAL A 27 5.62 0.89 -1.40
CA VAL A 27 5.45 2.29 -1.71
C VAL A 27 4.02 2.54 -2.20
N ALA A 28 3.53 1.62 -3.01
CA ALA A 28 2.19 1.71 -3.55
C ALA A 28 1.19 1.79 -2.40
N ILE A 29 1.49 1.05 -1.35
CA ILE A 29 0.63 1.03 -0.18
C ILE A 29 0.88 2.28 0.67
N SER A 30 2.13 2.72 0.66
CA SER A 30 2.52 3.89 1.42
C SER A 30 1.64 5.08 1.01
N GLU A 31 1.27 5.09 -0.25
CA GLU A 31 0.42 6.16 -0.77
C GLU A 31 -0.98 6.06 -0.19
N GLU A 32 -1.53 4.87 -0.23
CA GLU A 32 -2.86 4.63 0.29
C GLU A 32 -2.85 4.71 1.82
N LEU A 33 -1.78 4.19 2.40
CA LEU A 33 -1.64 4.19 3.85
C LEU A 33 -1.98 5.59 4.39
N VAL A 34 -1.77 6.58 3.54
CA VAL A 34 -2.04 7.96 3.92
C VAL A 34 -3.55 8.17 3.96
N GLN A 35 -4.22 7.72 2.90
CA GLN A 35 -5.66 7.85 2.80
C GLN A 35 -6.33 7.16 3.99
N LYS A 36 -5.61 6.22 4.58
CA LYS A 36 -6.13 5.48 5.71
C LYS A 36 -6.50 6.45 6.83
N TYR A 37 -5.78 7.56 6.87
CA TYR A 37 -6.04 8.58 7.88
C TYR A 37 -7.53 8.78 8.09
N SER A 38 -8.29 8.49 7.04
CA SER A 38 -9.74 8.63 7.10
C SER A 38 -10.29 7.85 8.30
N ASN A 39 -9.67 6.72 8.57
CA ASN A 39 -10.09 5.88 9.67
C ASN A 39 -10.28 6.74 10.92
N SER A 40 -9.51 7.82 10.99
CA SER A 40 -9.61 8.73 12.11
C SER A 40 -11.04 9.24 12.27
N ALA A 41 -11.82 9.06 11.21
CA ALA A 41 -13.20 9.49 11.23
C ALA A 41 -13.96 8.73 12.33
N LEU A 42 -13.58 7.48 12.50
CA LEU A 42 -14.22 6.64 13.51
C LEU A 42 -14.03 7.28 14.88
N GLY A 43 -12.79 7.66 15.16
CA GLY A 43 -12.46 8.28 16.44
C GLY A 43 -11.33 7.52 17.14
N HIS A 44 -10.87 6.46 16.49
CA HIS A 44 -9.81 5.64 17.04
C HIS A 44 -9.43 4.54 16.04
N VAL A 45 -8.26 4.69 15.45
CA VAL A 45 -7.78 3.73 14.49
C VAL A 45 -6.66 4.35 13.65
N ASN A 46 -6.89 5.59 13.25
CA ASN A 46 -5.92 6.32 12.45
C ASN A 46 -4.58 6.35 13.20
N CYS A 47 -4.68 6.54 14.50
CA CYS A 47 -3.49 6.60 15.33
C CYS A 47 -2.70 5.30 15.14
N THR A 48 -3.44 4.23 14.90
CA THR A 48 -2.82 2.93 14.70
C THR A 48 -2.23 2.84 13.28
N ILE A 49 -2.92 3.48 12.35
CA ILE A 49 -2.48 3.47 10.96
C ILE A 49 -1.29 4.43 10.81
N LYS A 50 -1.45 5.63 11.35
CA LYS A 50 -0.42 6.64 11.28
C LYS A 50 0.89 6.05 11.81
N GLU A 51 0.75 5.14 12.76
CA GLU A 51 1.91 4.50 13.36
C GLU A 51 2.71 3.75 12.30
N LEU A 52 1.99 3.23 11.31
CA LEU A 52 2.62 2.49 10.24
C LEU A 52 3.46 3.45 9.39
N ARG A 53 2.78 4.45 8.83
CA ARG A 53 3.45 5.42 8.00
C ARG A 53 4.42 6.25 8.83
N ARG A 54 4.05 6.46 10.08
CA ARG A 54 4.88 7.23 11.00
C ARG A 54 5.27 6.37 12.21
N ARG A 1 -11.08 2.03 -7.51
CA ARG A 1 -10.83 0.64 -7.17
C ARG A 1 -11.46 -0.28 -8.22
N ILE A 2 -12.66 0.10 -8.65
CA ILE A 2 -13.37 -0.69 -9.64
C ILE A 2 -13.84 -2.00 -9.00
N TYR A 3 -12.89 -2.76 -8.50
CA TYR A 3 -13.20 -4.03 -7.87
C TYR A 3 -13.58 -5.08 -8.91
N LYS A 4 -13.39 -4.72 -10.17
CA LYS A 4 -13.70 -5.62 -11.26
C LYS A 4 -12.52 -6.57 -11.48
N GLY A 5 -11.37 -6.18 -10.95
CA GLY A 5 -10.17 -6.99 -11.08
C GLY A 5 -9.01 -6.15 -11.60
N VAL A 6 -8.90 -4.94 -11.07
CA VAL A 6 -7.83 -4.04 -11.47
C VAL A 6 -7.56 -4.22 -12.97
N ILE A 7 -6.33 -3.93 -13.34
CA ILE A 7 -5.92 -4.05 -14.73
C ILE A 7 -4.72 -5.00 -14.83
N GLN A 8 -3.77 -4.80 -13.92
CA GLN A 8 -2.58 -5.62 -13.90
C GLN A 8 -2.95 -7.11 -13.82
N ALA A 9 -4.19 -7.35 -13.40
CA ALA A 9 -4.68 -8.71 -13.29
C ALA A 9 -4.17 -9.54 -14.47
N ILE A 10 -3.95 -8.85 -15.59
CA ILE A 10 -3.47 -9.51 -16.79
C ILE A 10 -1.96 -9.29 -16.91
N GLN A 11 -1.58 -8.02 -16.98
CA GLN A 11 -0.18 -7.67 -17.09
C GLN A 11 0.65 -8.47 -16.08
N LYS A 12 0.01 -8.84 -14.99
CA LYS A 12 0.68 -9.60 -13.95
C LYS A 12 1.47 -10.74 -14.59
N SER A 13 0.94 -11.25 -15.70
CA SER A 13 1.59 -12.33 -16.42
C SER A 13 2.99 -11.90 -16.86
N ASP A 14 3.10 -10.63 -17.22
CA ASP A 14 4.37 -10.09 -17.66
C ASP A 14 5.34 -10.04 -16.47
N GLU A 15 4.77 -9.88 -15.30
CA GLU A 15 5.56 -9.81 -14.08
C GLU A 15 6.08 -11.21 -13.72
N GLY A 16 5.26 -12.20 -14.00
CA GLY A 16 5.63 -13.59 -13.71
C GLY A 16 5.63 -13.84 -12.20
N HIS A 17 4.58 -13.37 -11.55
CA HIS A 17 4.44 -13.55 -10.11
C HIS A 17 5.80 -13.37 -9.45
N PRO A 18 6.22 -12.08 -9.31
CA PRO A 18 7.50 -11.77 -8.69
C PRO A 18 7.43 -11.95 -7.17
N PHE A 19 8.40 -11.35 -6.50
CA PHE A 19 8.47 -11.44 -5.05
C PHE A 19 8.85 -10.09 -4.43
N ARG A 20 9.98 -9.58 -4.89
CA ARG A 20 10.47 -8.30 -4.39
C ARG A 20 9.63 -7.15 -4.97
N ALA A 21 9.08 -7.40 -6.14
CA ALA A 21 8.25 -6.40 -6.79
C ALA A 21 7.08 -6.02 -5.88
N TYR A 22 6.63 -7.00 -5.12
CA TYR A 22 5.53 -6.79 -4.20
C TYR A 22 5.97 -5.97 -2.99
N LEU A 23 7.20 -6.22 -2.56
CA LEU A 23 7.75 -5.51 -1.42
C LEU A 23 7.68 -4.01 -1.68
N GLU A 24 8.09 -3.61 -2.88
CA GLU A 24 8.06 -2.22 -3.26
C GLU A 24 6.68 -1.62 -3.01
N SER A 25 5.68 -2.48 -3.06
CA SER A 25 4.31 -2.04 -2.84
C SER A 25 4.19 -1.32 -1.50
N GLU A 26 5.18 -1.57 -0.64
CA GLU A 26 5.19 -0.96 0.67
C GLU A 26 5.20 0.57 0.55
N VAL A 27 5.75 1.03 -0.56
CA VAL A 27 5.83 2.46 -0.82
C VAL A 27 4.44 2.97 -1.19
N ALA A 28 3.69 2.13 -1.87
CA ALA A 28 2.35 2.49 -2.30
C ALA A 28 1.43 2.56 -1.06
N ILE A 29 1.50 1.51 -0.26
CA ILE A 29 0.69 1.43 0.94
C ILE A 29 1.01 2.63 1.85
N SER A 30 2.28 3.02 1.81
CA SER A 30 2.73 4.15 2.62
C SER A 30 1.97 5.42 2.22
N GLU A 31 1.96 5.68 0.92
CA GLU A 31 1.28 6.86 0.41
C GLU A 31 -0.24 6.67 0.52
N GLU A 32 -0.67 5.45 0.24
CA GLU A 32 -2.08 5.13 0.29
C GLU A 32 -2.57 5.11 1.74
N LEU A 33 -1.84 4.37 2.56
CA LEU A 33 -2.19 4.25 3.97
C LEU A 33 -2.50 5.63 4.52
N VAL A 34 -1.92 6.65 3.89
CA VAL A 34 -2.13 8.02 4.32
C VAL A 34 -3.61 8.39 4.15
N GLN A 35 -4.16 7.98 3.01
CA GLN A 35 -5.56 8.26 2.71
C GLN A 35 -6.46 7.44 3.63
N LYS A 36 -5.92 6.31 4.10
CA LYS A 36 -6.67 5.44 4.98
C LYS A 36 -6.94 6.17 6.30
N TYR A 37 -6.03 7.05 6.66
CA TYR A 37 -6.15 7.82 7.88
C TYR A 37 -7.59 8.31 8.08
N SER A 38 -8.29 8.44 6.95
CA SER A 38 -9.66 8.91 6.98
C SER A 38 -10.50 8.02 7.91
N ASN A 39 -10.20 6.73 7.86
CA ASN A 39 -10.91 5.77 8.68
C ASN A 39 -10.72 6.13 10.16
N SER A 40 -9.58 6.74 10.44
CA SER A 40 -9.26 7.15 11.80
C SER A 40 -10.36 8.07 12.34
N ALA A 41 -11.16 8.58 11.42
CA ALA A 41 -12.25 9.48 11.78
C ALA A 41 -13.19 8.76 12.74
N LEU A 42 -13.38 7.48 12.50
CA LEU A 42 -14.25 6.66 13.34
C LEU A 42 -13.81 6.78 14.80
N GLY A 43 -12.83 5.97 15.14
CA GLY A 43 -12.29 5.97 16.49
C GLY A 43 -10.76 5.95 16.48
N HIS A 44 -10.21 6.38 15.36
CA HIS A 44 -8.76 6.42 15.21
C HIS A 44 -8.21 5.00 15.22
N VAL A 45 -8.51 4.28 14.16
CA VAL A 45 -8.06 2.91 14.03
C VAL A 45 -7.02 2.82 12.90
N ASN A 46 -7.03 3.84 12.06
CA ASN A 46 -6.10 3.90 10.95
C ASN A 46 -4.94 4.83 11.30
N CYS A 47 -5.26 5.85 12.09
CA CYS A 47 -4.26 6.82 12.50
C CYS A 47 -3.11 6.06 13.17
N THR A 48 -3.46 4.96 13.82
CA THR A 48 -2.48 4.14 14.49
C THR A 48 -1.44 3.61 13.50
N ILE A 49 -1.91 3.33 12.30
CA ILE A 49 -1.04 2.82 11.25
C ILE A 49 -0.20 3.97 10.68
N LYS A 50 -0.83 5.14 10.64
CA LYS A 50 -0.16 6.33 10.12
C LYS A 50 1.17 6.52 10.86
N GLU A 51 1.15 6.14 12.14
CA GLU A 51 2.35 6.28 12.96
C GLU A 51 3.52 5.54 12.32
N LEU A 52 3.20 4.43 11.68
CA LEU A 52 4.22 3.62 11.01
C LEU A 52 4.78 4.41 9.83
N ARG A 53 3.88 4.89 8.99
CA ARG A 53 4.26 5.65 7.81
C ARG A 53 4.89 6.98 8.23
N ARG A 54 4.39 7.52 9.33
CA ARG A 54 4.87 8.78 9.85
C ARG A 54 4.48 8.95 11.31
#